data_7YN3
#
_entry.id   7YN3
#
_cell.length_a   89.572
_cell.length_b   90.104
_cell.length_c   124.411
_cell.angle_alpha   90.000
_cell.angle_beta   90.000
_cell.angle_gamma   90.000
#
_symmetry.space_group_name_H-M   'P 21 21 21'
#
loop_
_entity.id
_entity.type
_entity.pdbx_description
1 polymer CcbD
2 polymer CcbZ
3 non-polymer "1,1'-ethane-1,2-diyldipyrrolidine-2,5-dione"
4 non-polymer "4'-PHOSPHOPANTETHEINE"
5 water water
#
loop_
_entity_poly.entity_id
_entity_poly.type
_entity_poly.pdbx_seq_one_letter_code
_entity_poly.pdbx_strand_id
1 'polypeptide(L)'
;MAQSKGSVDQTLHAPHCEVGCAANVARRVGVDLARQVIGAHWASRMLVREVGTFPQPLLDRTQVTFSAQGEGWPALLARM
TGGEVTSRHVPREELLSTLHADRAEGGTLLFMEDRACPWLDSAHSPGMLPHVVVPDGVAPDGSWQLIEGHSWWRGRYAMS
EQDLLAASYPDPDPHHVAGRVLSLRIRPSAERAAQLDTLARQELAAGLRTYLAAECGETETPAGRIVWANGPQSVPLLVE
RLRGWDYLCPLAARNDLSTEHARDVALGRYLFLALTDELAFAAYARAGTLRLVEGLGLAGAVGGLRPDEAWRLAWRSGQK
LYRRLDRQNLSALFSALEKAAEVDVEYARRLLKELKLAAALEHHHHHHHH
;
A,B
2 'polypeptide(L)' MSLLVDVLELLRPLLPSADTELTPDTELFSSQLLDSLALEEIQAAIESRWVPLPPEELTLANFNTPAAIAETIARTST C,D
#
# COMPACT_ATOMS: atom_id res chain seq x y z
N GLN A 10 -27.74 -4.94 -20.76
CA GLN A 10 -27.32 -6.15 -21.45
C GLN A 10 -25.94 -6.67 -20.99
N THR A 11 -24.99 -5.75 -20.81
CA THR A 11 -23.65 -6.11 -20.38
C THR A 11 -23.65 -6.47 -18.89
N LEU A 12 -22.98 -7.57 -18.54
CA LEU A 12 -22.89 -7.90 -17.13
C LEU A 12 -21.80 -7.07 -16.44
N HIS A 13 -21.90 -6.96 -15.11
CA HIS A 13 -20.96 -6.11 -14.36
C HIS A 13 -20.99 -6.52 -12.89
N ALA A 14 -20.02 -6.00 -12.14
CA ALA A 14 -19.80 -6.41 -10.75
C ALA A 14 -19.00 -5.33 -10.05
N PRO A 15 -18.94 -5.35 -8.71
CA PRO A 15 -18.18 -4.32 -7.98
C PRO A 15 -16.66 -4.32 -8.20
N HIS A 16 -16.06 -5.45 -8.54
CA HIS A 16 -14.67 -5.50 -8.99
C HIS A 16 -14.65 -5.65 -10.50
N CYS A 17 -13.93 -4.77 -11.21
CA CYS A 17 -14.07 -4.77 -12.66
C CYS A 17 -13.66 -6.11 -13.28
N GLU A 18 -12.63 -6.76 -12.73
CA GLU A 18 -12.24 -8.05 -13.32
C GLU A 18 -13.33 -9.11 -13.16
N VAL A 19 -14.13 -9.04 -12.09
CA VAL A 19 -15.21 -10.01 -11.91
C VAL A 19 -16.33 -9.77 -12.93
N GLY A 20 -16.72 -8.51 -13.11
CA GLY A 20 -17.73 -8.23 -14.13
C GLY A 20 -17.26 -8.64 -15.51
N CYS A 21 -15.98 -8.42 -15.80
CA CYS A 21 -15.41 -8.90 -17.04
C CYS A 21 -15.54 -10.41 -17.16
N ALA A 22 -15.12 -11.14 -16.12
CA ALA A 22 -15.24 -12.59 -16.12
C ALA A 22 -16.70 -13.03 -16.30
N ALA A 23 -17.64 -12.31 -15.70
CA ALA A 23 -19.05 -12.69 -15.86
C ALA A 23 -19.47 -12.65 -17.34
N ASN A 24 -19.00 -11.64 -18.08
CA ASN A 24 -19.38 -11.56 -19.49
C ASN A 24 -18.80 -12.73 -20.28
N VAL A 25 -17.54 -13.09 -20.01
CA VAL A 25 -16.93 -14.21 -20.74
C VAL A 25 -17.67 -15.49 -20.41
N ALA A 26 -17.93 -15.71 -19.12
CA ALA A 26 -18.62 -16.93 -18.70
C ALA A 26 -19.97 -17.08 -19.39
N ARG A 27 -20.68 -15.96 -19.57
CA ARG A 27 -22.00 -16.05 -20.19
C ARG A 27 -21.89 -16.50 -21.65
N ARG A 28 -20.79 -16.16 -22.32
CA ARG A 28 -20.57 -16.65 -23.68
C ARG A 28 -20.60 -18.16 -23.76
N VAL A 29 -20.18 -18.85 -22.71
CA VAL A 29 -20.10 -20.30 -22.77
C VAL A 29 -21.19 -20.94 -21.92
N GLY A 30 -22.27 -20.21 -21.64
CA GLY A 30 -23.39 -20.80 -20.94
C GLY A 30 -23.21 -20.96 -19.44
N VAL A 31 -22.29 -20.20 -18.84
CA VAL A 31 -22.07 -20.23 -17.39
C VAL A 31 -22.52 -18.90 -16.79
N ASP A 32 -23.33 -18.99 -15.74
CA ASP A 32 -23.80 -17.84 -14.99
C ASP A 32 -22.79 -17.66 -13.86
N LEU A 33 -21.82 -16.77 -14.06
CA LEU A 33 -20.73 -16.63 -13.08
C LEU A 33 -21.28 -16.29 -11.70
N ALA A 34 -22.17 -15.30 -11.64
CA ALA A 34 -22.61 -14.77 -10.36
C ALA A 34 -23.39 -15.80 -9.55
N ARG A 35 -24.21 -16.62 -10.22
CA ARG A 35 -25.00 -17.62 -9.51
C ARG A 35 -24.25 -18.92 -9.31
N GLN A 36 -23.65 -19.48 -10.36
CA GLN A 36 -23.10 -20.83 -10.30
C GLN A 36 -21.64 -20.88 -9.86
N VAL A 37 -20.95 -19.77 -9.81
CA VAL A 37 -19.52 -19.81 -9.53
C VAL A 37 -19.23 -18.96 -8.30
N ILE A 38 -19.46 -17.66 -8.42
CA ILE A 38 -19.35 -16.77 -7.27
C ILE A 38 -20.34 -17.18 -6.20
N GLY A 39 -21.63 -17.24 -6.58
CA GLY A 39 -22.67 -17.58 -5.63
C GLY A 39 -22.51 -18.95 -4.99
N ALA A 40 -21.75 -19.84 -5.63
CA ALA A 40 -21.49 -21.18 -5.13
C ALA A 40 -20.28 -21.21 -4.21
N HIS A 41 -19.63 -20.07 -4.00
CA HIS A 41 -18.42 -20.05 -3.18
C HIS A 41 -18.64 -19.13 -1.99
N TRP A 42 -19.09 -19.72 -0.88
CA TRP A 42 -19.36 -18.98 0.36
C TRP A 42 -18.07 -18.76 1.13
N ALA A 43 -17.77 -17.50 1.47
CA ALA A 43 -16.50 -17.23 2.12
C ALA A 43 -16.57 -15.91 2.88
N SER A 44 -15.72 -15.78 3.90
CA SER A 44 -15.65 -14.55 4.69
C SER A 44 -14.28 -14.49 5.35
N ARG A 45 -13.53 -13.41 5.14
CA ARG A 45 -12.11 -13.39 5.49
C ARG A 45 -11.64 -11.97 5.78
N MET A 46 -11.00 -11.80 6.93
CA MET A 46 -10.27 -10.58 7.22
C MET A 46 -8.83 -10.75 6.75
N LEU A 47 -8.26 -9.69 6.16
CA LEU A 47 -6.86 -9.69 5.75
C LEU A 47 -6.18 -8.44 6.28
N VAL A 48 -4.96 -8.62 6.78
CA VAL A 48 -4.16 -7.53 7.34
C VAL A 48 -2.76 -7.61 6.76
N ARG A 49 -2.19 -6.47 6.40
CA ARG A 49 -0.77 -6.35 6.07
C ARG A 49 -0.14 -5.44 7.14
N GLU A 50 0.90 -5.94 7.80
CA GLU A 50 1.43 -5.30 9.00
C GLU A 50 2.92 -5.61 9.14
N VAL A 51 3.55 -4.97 10.13
CA VAL A 51 4.99 -5.16 10.32
C VAL A 51 5.26 -6.61 10.66
N GLY A 52 6.13 -7.25 9.89
CA GLY A 52 6.59 -8.58 10.22
C GLY A 52 8.08 -8.56 10.50
N THR A 53 8.81 -9.48 9.89
CA THR A 53 10.26 -9.54 10.09
C THR A 53 10.97 -8.52 9.22
N PHE A 54 11.83 -7.71 9.83
CA PHE A 54 12.63 -6.76 9.06
C PHE A 54 13.64 -7.50 8.19
N PRO A 55 13.93 -6.99 6.98
CA PRO A 55 13.35 -5.81 6.35
C PRO A 55 12.18 -6.16 5.45
N GLN A 56 11.26 -5.21 5.30
CA GLN A 56 10.12 -5.36 4.39
C GLN A 56 9.96 -4.05 3.65
N PRO A 57 10.77 -3.85 2.61
CA PRO A 57 10.85 -2.51 1.99
C PRO A 57 9.57 -2.06 1.31
N LEU A 58 8.69 -2.98 0.92
CA LEU A 58 7.42 -2.61 0.30
C LEU A 58 6.30 -2.43 1.31
N LEU A 59 6.56 -2.61 2.60
CA LEU A 59 5.55 -2.32 3.61
C LEU A 59 5.52 -0.82 3.82
N ASP A 60 4.51 -0.16 3.27
CA ASP A 60 4.37 1.29 3.39
C ASP A 60 3.39 1.70 4.50
N ARG A 61 2.52 0.81 4.95
CA ARG A 61 1.50 1.19 5.92
C ARG A 61 0.79 -0.08 6.41
N THR A 62 0.39 -0.08 7.68
CA THR A 62 -0.54 -1.10 8.11
C THR A 62 -1.84 -0.96 7.32
N GLN A 63 -2.37 -2.11 6.85
CA GLN A 63 -3.50 -2.12 5.93
C GLN A 63 -4.42 -3.28 6.28
N VAL A 64 -5.73 -3.03 6.29
CA VAL A 64 -6.69 -4.09 6.62
C VAL A 64 -7.83 -4.04 5.61
N THR A 65 -8.31 -5.22 5.19
CA THR A 65 -9.47 -5.26 4.32
C THR A 65 -10.22 -6.57 4.58
N PHE A 66 -11.30 -6.73 3.84
CA PHE A 66 -12.19 -7.89 3.92
C PHE A 66 -12.30 -8.52 2.54
N SER A 67 -12.55 -9.83 2.52
CA SER A 67 -12.78 -10.52 1.26
C SER A 67 -13.86 -11.58 1.41
N ALA A 68 -14.79 -11.61 0.44
CA ALA A 68 -15.70 -12.73 0.28
C ALA A 68 -15.36 -13.55 -0.95
N GLN A 69 -14.14 -13.41 -1.47
CA GLN A 69 -13.77 -14.10 -2.69
C GLN A 69 -13.25 -15.51 -2.47
N GLY A 70 -12.81 -15.85 -1.25
CA GLY A 70 -12.36 -17.20 -0.96
C GLY A 70 -11.20 -17.59 -1.84
N GLU A 71 -11.34 -18.74 -2.53
CA GLU A 71 -10.32 -19.19 -3.47
C GLU A 71 -10.30 -18.35 -4.76
N GLY A 72 -11.37 -17.61 -5.03
CA GLY A 72 -11.40 -16.73 -6.21
C GLY A 72 -12.00 -17.40 -7.43
N TRP A 73 -12.68 -16.60 -8.24
CA TRP A 73 -13.33 -17.15 -9.43
C TRP A 73 -12.38 -17.84 -10.41
N PRO A 74 -11.10 -17.47 -10.57
CA PRO A 74 -10.29 -18.22 -11.54
C PRO A 74 -10.14 -19.70 -11.21
N ALA A 75 -9.91 -20.04 -9.93
CA ALA A 75 -9.81 -21.45 -9.58
C ALA A 75 -11.16 -22.14 -9.74
N LEU A 76 -12.22 -21.50 -9.24
CA LEU A 76 -13.55 -22.11 -9.32
C LEU A 76 -13.99 -22.29 -10.77
N LEU A 77 -13.87 -21.24 -11.58
CA LEU A 77 -14.30 -21.29 -12.97
C LEU A 77 -13.57 -22.38 -13.75
N ALA A 78 -12.25 -22.51 -13.52
CA ALA A 78 -11.46 -23.49 -14.25
C ALA A 78 -11.94 -24.90 -13.95
N ARG A 79 -12.02 -25.28 -12.66
CA ARG A 79 -12.35 -26.67 -12.32
C ARG A 79 -13.82 -26.99 -12.58
N MET A 80 -14.71 -26.00 -12.47
CA MET A 80 -16.12 -26.25 -12.74
C MET A 80 -16.36 -26.51 -14.23
N THR A 81 -15.67 -25.78 -15.11
CA THR A 81 -15.82 -25.96 -16.56
C THR A 81 -14.89 -27.01 -17.13
N GLY A 82 -13.83 -27.40 -16.42
CA GLY A 82 -12.82 -28.24 -17.04
C GLY A 82 -11.85 -27.49 -17.92
N GLY A 83 -11.82 -26.16 -17.83
CA GLY A 83 -10.94 -25.35 -18.64
C GLY A 83 -9.80 -24.76 -17.83
N GLU A 84 -9.26 -23.65 -18.33
CA GLU A 84 -8.09 -23.01 -17.75
C GLU A 84 -8.26 -21.50 -17.78
N VAL A 85 -7.74 -20.83 -16.74
CA VAL A 85 -7.70 -19.38 -16.66
C VAL A 85 -6.24 -19.01 -16.48
N THR A 86 -5.61 -18.49 -17.53
CA THR A 86 -4.15 -18.34 -17.59
C THR A 86 -3.76 -16.91 -17.89
N SER A 87 -2.82 -16.37 -17.12
CA SER A 87 -2.23 -15.07 -17.39
C SER A 87 -0.98 -15.25 -18.24
N ARG A 88 -0.84 -14.42 -19.27
CA ARG A 88 0.34 -14.46 -20.13
C ARG A 88 0.66 -13.04 -20.56
N HIS A 89 1.91 -12.83 -20.99
CA HIS A 89 2.31 -11.61 -21.68
C HIS A 89 2.55 -11.97 -23.15
N VAL A 90 1.96 -11.20 -24.04
CA VAL A 90 1.85 -11.53 -25.46
C VAL A 90 2.51 -10.44 -26.28
N PRO A 91 3.32 -10.78 -27.28
CA PRO A 91 3.92 -9.74 -28.13
C PRO A 91 2.87 -9.07 -29.01
N ARG A 92 3.11 -7.79 -29.30
CA ARG A 92 2.18 -6.98 -30.07
C ARG A 92 1.72 -7.69 -31.35
N GLU A 93 2.65 -8.34 -32.05
CA GLU A 93 2.36 -9.05 -33.31
C GLU A 93 1.45 -10.25 -33.12
N GLU A 94 1.25 -10.69 -31.89
CA GLU A 94 0.42 -11.86 -31.62
C GLU A 94 -0.89 -11.51 -30.92
N LEU A 95 -1.12 -10.24 -30.59
CA LEU A 95 -2.24 -9.90 -29.71
C LEU A 95 -3.57 -10.21 -30.38
N LEU A 96 -3.80 -9.65 -31.57
CA LEU A 96 -5.09 -9.82 -32.23
C LEU A 96 -5.39 -11.29 -32.49
N SER A 97 -4.39 -12.06 -32.91
CA SER A 97 -4.64 -13.48 -33.13
C SER A 97 -4.90 -14.21 -31.82
N THR A 98 -4.23 -13.80 -30.74
CA THR A 98 -4.50 -14.42 -29.44
C THR A 98 -5.94 -14.13 -29.00
N LEU A 99 -6.43 -12.91 -29.25
CA LEU A 99 -7.81 -12.57 -28.91
C LEU A 99 -8.80 -13.41 -29.71
N HIS A 100 -8.55 -13.57 -31.01
N HIS A 100 -8.56 -13.54 -31.01
CA HIS A 100 -9.44 -14.39 -31.82
CA HIS A 100 -9.40 -14.41 -31.85
C HIS A 100 -9.37 -15.87 -31.43
C HIS A 100 -9.38 -15.84 -31.33
N ALA A 101 -8.19 -16.34 -30.98
CA ALA A 101 -8.08 -17.73 -30.55
C ALA A 101 -8.72 -17.95 -29.19
N ASP A 102 -8.54 -17.02 -28.24
CA ASP A 102 -9.26 -17.12 -26.98
C ASP A 102 -10.76 -17.11 -27.20
N ARG A 103 -11.24 -16.29 -28.15
CA ARG A 103 -12.67 -16.07 -28.32
C ARG A 103 -13.41 -17.37 -28.65
N ALA A 104 -12.78 -18.28 -29.40
CA ALA A 104 -13.43 -19.52 -29.75
C ALA A 104 -13.72 -20.41 -28.54
N GLU A 105 -13.12 -20.10 -27.38
CA GLU A 105 -13.17 -20.97 -26.23
C GLU A 105 -13.65 -20.26 -24.97
N GLY A 106 -14.07 -19.01 -25.07
CA GLY A 106 -14.38 -18.22 -23.91
C GLY A 106 -14.07 -16.77 -24.22
N GLY A 107 -12.92 -16.29 -23.78
CA GLY A 107 -12.56 -14.91 -24.04
C GLY A 107 -11.28 -14.52 -23.34
N THR A 108 -11.05 -13.20 -23.28
CA THR A 108 -9.80 -12.64 -22.78
C THR A 108 -10.13 -11.44 -21.92
N LEU A 109 -9.47 -11.37 -20.77
CA LEU A 109 -9.40 -10.13 -19.98
C LEU A 109 -8.13 -9.40 -20.40
N LEU A 110 -8.29 -8.21 -20.94
CA LEU A 110 -7.19 -7.44 -21.50
C LEU A 110 -6.91 -6.27 -20.56
N PHE A 111 -5.67 -6.17 -20.09
CA PHE A 111 -5.29 -5.10 -19.19
C PHE A 111 -4.88 -3.87 -19.97
N MET A 112 -5.10 -2.71 -19.36
CA MET A 112 -4.84 -1.45 -20.03
C MET A 112 -5.01 -0.33 -19.03
N GLU A 113 -4.33 0.78 -19.28
CA GLU A 113 -4.31 1.87 -18.33
C GLU A 113 -5.64 2.62 -18.33
N ASP A 114 -5.98 3.21 -17.19
CA ASP A 114 -7.19 4.05 -17.13
C ASP A 114 -7.22 5.06 -18.26
N ARG A 115 -6.07 5.72 -18.52
CA ARG A 115 -5.99 6.78 -19.51
C ARG A 115 -6.12 6.30 -20.95
N ALA A 116 -6.06 5.00 -21.20
CA ALA A 116 -6.29 4.50 -22.56
C ALA A 116 -7.76 4.27 -22.87
N CYS A 117 -8.64 4.37 -21.87
CA CYS A 117 -10.07 4.12 -22.02
C CYS A 117 -10.81 5.46 -21.95
N PRO A 118 -11.24 6.04 -23.08
CA PRO A 118 -11.78 7.40 -23.03
C PRO A 118 -12.99 7.53 -22.12
N TRP A 119 -13.78 6.47 -21.94
CA TRP A 119 -14.98 6.59 -21.12
C TRP A 119 -14.66 6.77 -19.64
N LEU A 120 -13.44 6.43 -19.21
CA LEU A 120 -13.07 6.61 -17.81
C LEU A 120 -12.70 8.04 -17.46
N ASP A 121 -12.52 8.90 -18.46
CA ASP A 121 -12.24 10.32 -18.23
C ASP A 121 -11.07 10.49 -17.28
N SER A 122 -9.95 9.86 -17.64
CA SER A 122 -8.79 9.79 -16.78
C SER A 122 -7.52 10.01 -17.59
N ALA A 123 -7.53 10.99 -18.48
CA ALA A 123 -6.39 11.18 -19.38
C ALA A 123 -5.13 11.55 -18.62
N HIS A 124 -5.30 12.08 -17.41
CA HIS A 124 -4.23 12.64 -16.59
C HIS A 124 -3.50 11.60 -15.76
N SER A 125 -4.03 10.37 -15.64
CA SER A 125 -3.41 9.42 -14.73
C SER A 125 -3.60 7.98 -15.17
N PRO A 126 -2.58 7.14 -15.03
CA PRO A 126 -2.73 5.71 -15.33
C PRO A 126 -3.50 4.94 -14.28
N GLY A 127 -3.95 5.60 -13.22
CA GLY A 127 -4.63 4.91 -12.15
C GLY A 127 -3.66 4.36 -11.12
N MET A 128 -4.22 4.05 -9.95
CA MET A 128 -3.44 3.38 -8.91
C MET A 128 -3.16 1.92 -9.30
N LEU A 129 -4.09 1.30 -10.01
CA LEU A 129 -4.04 -0.06 -10.50
C LEU A 129 -4.50 -0.07 -11.95
N PRO A 130 -4.08 -1.05 -12.76
CA PRO A 130 -4.52 -1.07 -14.16
C PRO A 130 -5.99 -1.45 -14.26
N HIS A 131 -6.60 -1.02 -15.36
CA HIS A 131 -7.95 -1.36 -15.73
C HIS A 131 -7.95 -2.67 -16.52
N VAL A 132 -9.13 -3.26 -16.68
CA VAL A 132 -9.29 -4.48 -17.46
C VAL A 132 -10.59 -4.35 -18.27
N VAL A 133 -10.57 -4.87 -19.50
CA VAL A 133 -11.73 -4.90 -20.38
C VAL A 133 -11.79 -6.26 -21.07
N VAL A 134 -12.96 -6.58 -21.63
CA VAL A 134 -13.15 -7.81 -22.40
C VAL A 134 -13.35 -7.43 -23.87
N PRO A 135 -12.39 -7.73 -24.74
CA PRO A 135 -12.64 -7.57 -26.18
C PRO A 135 -13.75 -8.48 -26.65
N ASP A 136 -14.58 -7.96 -27.53
CA ASP A 136 -15.78 -8.64 -28.03
C ASP A 136 -15.75 -8.68 -29.55
N GLY A 137 -14.58 -9.00 -30.11
CA GLY A 137 -14.44 -9.14 -31.55
C GLY A 137 -14.63 -7.82 -32.29
N VAL A 138 -14.57 -7.92 -33.62
CA VAL A 138 -14.63 -6.77 -34.51
C VAL A 138 -16.06 -6.59 -34.99
N ALA A 139 -16.59 -5.38 -34.89
CA ALA A 139 -17.92 -5.08 -35.38
C ALA A 139 -17.93 -5.06 -36.92
N PRO A 140 -19.10 -5.24 -37.55
CA PRO A 140 -19.15 -5.16 -39.02
C PRO A 140 -18.55 -3.87 -39.56
N ASP A 141 -18.56 -2.76 -38.81
CA ASP A 141 -17.94 -1.56 -39.36
C ASP A 141 -16.42 -1.54 -39.19
N GLY A 142 -15.81 -2.61 -38.68
CA GLY A 142 -14.37 -2.70 -38.57
C GLY A 142 -13.79 -2.24 -37.24
N SER A 143 -14.56 -1.60 -36.38
CA SER A 143 -14.03 -1.22 -35.08
C SER A 143 -14.08 -2.40 -34.10
N TRP A 144 -13.10 -2.44 -33.19
CA TRP A 144 -13.15 -3.41 -32.11
C TRP A 144 -14.16 -2.99 -31.05
N GLN A 145 -14.77 -3.98 -30.40
CA GLN A 145 -15.68 -3.72 -29.30
C GLN A 145 -15.02 -4.11 -27.99
N LEU A 146 -15.23 -3.29 -26.96
CA LEU A 146 -14.68 -3.54 -25.62
C LEU A 146 -15.83 -3.54 -24.61
N ILE A 147 -15.90 -4.59 -23.80
CA ILE A 147 -16.91 -4.67 -22.75
C ILE A 147 -16.31 -4.16 -21.45
N GLU A 148 -17.02 -3.22 -20.80
CA GLU A 148 -16.59 -2.66 -19.52
C GLU A 148 -17.33 -3.36 -18.39
N GLY A 149 -16.59 -4.00 -17.49
CA GLY A 149 -17.18 -4.83 -16.46
C GLY A 149 -17.44 -4.18 -15.11
N HIS A 150 -16.94 -2.96 -14.87
CA HIS A 150 -17.27 -2.29 -13.62
C HIS A 150 -18.65 -1.66 -13.69
N SER A 151 -19.41 -1.73 -12.60
CA SER A 151 -20.82 -1.35 -12.67
C SER A 151 -20.99 0.10 -13.10
N TRP A 152 -20.17 1.01 -12.55
CA TRP A 152 -20.43 2.42 -12.80
C TRP A 152 -20.34 2.77 -14.29
N TRP A 153 -19.39 2.17 -15.01
CA TRP A 153 -19.21 2.46 -16.42
C TRP A 153 -19.70 1.35 -17.33
N ARG A 154 -20.45 0.37 -16.80
CA ARG A 154 -20.78 -0.85 -17.54
C ARG A 154 -21.33 -0.53 -18.92
N GLY A 155 -20.94 -1.32 -19.90
CA GLY A 155 -21.41 -1.13 -21.25
C GLY A 155 -20.39 -1.65 -22.23
N ARG A 156 -20.64 -1.32 -23.51
CA ARG A 156 -19.79 -1.72 -24.62
C ARG A 156 -19.27 -0.47 -25.31
N TYR A 157 -18.00 -0.50 -25.69
CA TYR A 157 -17.35 0.67 -26.24
C TYR A 157 -16.59 0.27 -27.51
N ALA A 158 -16.45 1.23 -28.41
CA ALA A 158 -15.78 0.99 -29.68
C ALA A 158 -14.38 1.54 -29.61
N MET A 159 -13.44 0.85 -30.22
CA MET A 159 -12.11 1.41 -30.29
C MET A 159 -11.49 0.93 -31.58
N SER A 160 -10.69 1.77 -32.23
CA SER A 160 -10.06 1.36 -33.47
C SER A 160 -8.99 0.29 -33.20
N GLU A 161 -8.72 -0.51 -34.23
CA GLU A 161 -7.67 -1.51 -34.11
C GLU A 161 -6.34 -0.87 -33.73
N GLN A 162 -6.04 0.29 -34.33
CA GLN A 162 -4.79 0.98 -34.01
C GLN A 162 -4.78 1.45 -32.56
N ASP A 163 -5.89 2.05 -32.11
CA ASP A 163 -5.95 2.48 -30.72
C ASP A 163 -5.92 1.29 -29.76
N LEU A 164 -6.52 0.15 -30.16
CA LEU A 164 -6.48 -1.02 -29.31
C LEU A 164 -5.04 -1.47 -29.06
N LEU A 165 -4.26 -1.62 -30.13
CA LEU A 165 -2.89 -2.08 -29.96
C LEU A 165 -2.05 -1.07 -29.19
N ALA A 166 -2.23 0.24 -29.46
CA ALA A 166 -1.55 1.27 -28.68
C ALA A 166 -1.90 1.16 -27.20
N ALA A 167 -3.18 0.94 -26.90
CA ALA A 167 -3.63 0.78 -25.53
C ALA A 167 -3.00 -0.41 -24.84
N SER A 168 -2.74 -1.49 -25.59
CA SER A 168 -2.23 -2.70 -24.98
C SER A 168 -0.74 -2.67 -24.73
N TYR A 169 -0.02 -1.73 -25.33
CA TYR A 169 1.44 -1.67 -25.22
C TYR A 169 1.84 -0.24 -24.86
N PRO A 170 1.47 0.22 -23.67
CA PRO A 170 1.76 1.61 -23.31
C PRO A 170 3.23 1.81 -23.03
N ASP A 171 3.69 3.03 -23.26
CA ASP A 171 5.04 3.44 -22.90
C ASP A 171 5.03 4.86 -22.36
N PRO A 172 5.43 5.09 -21.10
CA PRO A 172 5.87 4.06 -20.15
C PRO A 172 4.74 3.16 -19.64
N ASP A 173 5.08 2.15 -18.85
CA ASP A 173 4.15 1.10 -18.43
C ASP A 173 4.24 0.87 -16.93
N PRO A 174 3.80 1.83 -16.12
CA PRO A 174 3.96 1.69 -14.65
C PRO A 174 3.31 0.44 -14.09
N HIS A 175 2.16 0.02 -14.61
CA HIS A 175 1.47 -1.15 -14.09
C HIS A 175 2.02 -2.46 -14.65
N HIS A 176 2.92 -2.39 -15.64
CA HIS A 176 3.45 -3.57 -16.33
C HIS A 176 2.30 -4.40 -16.92
N VAL A 177 1.52 -3.75 -17.77
CA VAL A 177 0.39 -4.40 -18.43
C VAL A 177 0.61 -4.59 -19.93
N ALA A 178 1.74 -4.17 -20.48
CA ALA A 178 1.97 -4.28 -21.91
C ALA A 178 1.82 -5.74 -22.35
N GLY A 179 0.88 -5.98 -23.27
CA GLY A 179 0.63 -7.34 -23.74
C GLY A 179 0.13 -8.33 -22.70
N ARG A 180 -0.42 -7.84 -21.58
N ARG A 180 -0.41 -7.85 -21.57
CA ARG A 180 -0.88 -8.71 -20.50
CA ARG A 180 -0.88 -8.73 -20.50
C ARG A 180 -2.32 -9.14 -20.77
C ARG A 180 -2.32 -9.14 -20.76
N VAL A 181 -2.52 -10.45 -20.94
CA VAL A 181 -3.84 -11.01 -21.18
C VAL A 181 -4.10 -12.12 -20.18
N LEU A 182 -5.31 -12.19 -19.70
CA LEU A 182 -5.79 -13.29 -18.89
C LEU A 182 -6.74 -14.09 -19.79
N SER A 183 -6.30 -15.27 -20.21
CA SER A 183 -7.07 -16.09 -21.15
C SER A 183 -8.02 -17.03 -20.41
N LEU A 184 -9.30 -16.95 -20.78
CA LEU A 184 -10.36 -17.76 -20.19
C LEU A 184 -10.83 -18.76 -21.25
N ARG A 185 -10.25 -19.96 -21.23
CA ARG A 185 -10.64 -21.01 -22.15
C ARG A 185 -11.45 -22.01 -21.33
N ILE A 186 -12.77 -21.85 -21.34
CA ILE A 186 -13.63 -22.35 -20.28
C ILE A 186 -14.91 -22.95 -20.84
N ARG A 187 -14.93 -23.24 -22.14
CA ARG A 187 -16.14 -23.80 -22.73
C ARG A 187 -16.34 -25.22 -22.21
N PRO A 188 -17.38 -25.49 -21.44
CA PRO A 188 -17.59 -26.84 -20.92
C PRO A 188 -18.07 -27.78 -22.02
N SER A 189 -17.79 -29.06 -21.82
CA SER A 189 -18.45 -30.08 -22.61
C SER A 189 -19.96 -30.00 -22.41
N ALA A 190 -20.71 -30.59 -23.35
CA ALA A 190 -22.17 -30.50 -23.25
C ALA A 190 -22.69 -31.21 -22.01
N GLU A 191 -22.13 -32.37 -21.69
CA GLU A 191 -22.57 -33.08 -20.48
C GLU A 191 -22.24 -32.27 -19.23
N ARG A 192 -21.03 -31.73 -19.14
CA ARG A 192 -20.65 -30.88 -18.01
C ARG A 192 -21.61 -29.69 -17.89
N ALA A 193 -21.90 -29.03 -19.00
CA ALA A 193 -22.79 -27.87 -18.95
C ALA A 193 -24.18 -28.25 -18.44
N ALA A 194 -24.67 -29.43 -18.83
CA ALA A 194 -26.00 -29.84 -18.37
C ALA A 194 -26.02 -30.11 -16.87
N GLN A 195 -24.87 -30.32 -16.27
CA GLN A 195 -24.71 -30.70 -14.88
C GLN A 195 -24.29 -29.53 -13.98
N LEU A 196 -24.20 -28.32 -14.52
CA LEU A 196 -23.48 -27.26 -13.82
C LEU A 196 -24.08 -26.97 -12.44
N ASP A 197 -25.41 -26.97 -12.35
CA ASP A 197 -26.04 -26.72 -11.06
C ASP A 197 -25.67 -27.78 -10.04
N THR A 198 -25.48 -29.02 -10.47
CA THR A 198 -25.02 -30.05 -9.55
C THR A 198 -23.63 -29.74 -9.03
N LEU A 199 -22.71 -29.35 -9.93
CA LEU A 199 -21.38 -28.97 -9.47
C LEU A 199 -21.44 -27.74 -8.56
N ALA A 200 -22.31 -26.78 -8.88
CA ALA A 200 -22.41 -25.60 -8.03
C ALA A 200 -22.89 -25.96 -6.63
N ARG A 201 -23.84 -26.90 -6.54
CA ARG A 201 -24.32 -27.36 -5.25
C ARG A 201 -23.19 -27.97 -4.42
N GLN A 202 -22.32 -28.75 -5.07
CA GLN A 202 -21.22 -29.38 -4.36
C GLN A 202 -20.14 -28.37 -3.99
N GLU A 203 -19.87 -27.40 -4.87
CA GLU A 203 -18.99 -26.30 -4.48
C GLU A 203 -19.59 -25.51 -3.34
N LEU A 204 -20.91 -25.34 -3.35
CA LEU A 204 -21.57 -24.57 -2.30
C LEU A 204 -21.31 -25.17 -0.93
N ALA A 205 -21.51 -26.49 -0.79
CA ALA A 205 -21.29 -27.14 0.50
C ALA A 205 -19.82 -27.06 0.92
N ALA A 206 -18.90 -27.18 -0.03
CA ALA A 206 -17.48 -27.15 0.30
C ALA A 206 -17.08 -25.80 0.87
N GLY A 207 -17.51 -24.71 0.25
CA GLY A 207 -17.19 -23.39 0.79
C GLY A 207 -17.79 -23.15 2.15
N LEU A 208 -19.01 -23.68 2.38
CA LEU A 208 -19.62 -23.54 3.70
C LEU A 208 -18.79 -24.28 4.76
N ARG A 209 -18.25 -25.46 4.39
CA ARG A 209 -17.41 -26.20 5.33
C ARG A 209 -16.12 -25.42 5.62
N THR A 210 -15.48 -24.91 4.57
CA THR A 210 -14.30 -24.07 4.77
C THR A 210 -14.62 -22.90 5.70
N TYR A 211 -15.76 -22.24 5.46
CA TYR A 211 -16.15 -21.11 6.29
C TYR A 211 -16.30 -21.51 7.76
N LEU A 212 -17.01 -22.62 8.02
CA LEU A 212 -17.16 -23.02 9.41
C LEU A 212 -15.87 -23.58 9.99
N ALA A 213 -14.97 -24.11 9.15
CA ALA A 213 -13.69 -24.55 9.66
C ALA A 213 -12.90 -23.40 10.27
N ALA A 214 -13.11 -22.18 9.76
CA ALA A 214 -12.53 -20.95 10.33
C ALA A 214 -11.01 -21.06 10.48
N GLU A 215 -10.35 -21.40 9.38
CA GLU A 215 -8.89 -21.46 9.40
C GLU A 215 -8.29 -20.05 9.41
N CYS A 216 -6.98 -19.98 9.65
CA CYS A 216 -6.29 -18.70 9.57
C CYS A 216 -4.81 -18.97 9.32
N GLY A 217 -4.09 -17.91 9.00
CA GLY A 217 -2.69 -18.07 8.66
C GLY A 217 -2.00 -16.74 8.49
N GLU A 218 -0.72 -16.82 8.13
CA GLU A 218 0.10 -15.65 7.90
C GLU A 218 1.31 -16.04 7.07
N THR A 219 1.90 -15.04 6.40
CA THR A 219 3.08 -15.26 5.59
C THR A 219 3.90 -13.98 5.60
N GLU A 220 5.23 -14.11 5.70
CA GLU A 220 6.13 -12.96 5.72
C GLU A 220 6.55 -12.66 4.30
N THR A 221 6.36 -11.42 3.86
CA THR A 221 6.68 -11.02 2.50
C THR A 221 7.47 -9.73 2.50
N PRO A 222 8.15 -9.41 1.39
CA PRO A 222 8.83 -8.12 1.30
C PRO A 222 7.91 -6.93 1.45
N ALA A 223 6.58 -7.12 1.30
CA ALA A 223 5.61 -6.03 1.47
C ALA A 223 4.94 -6.07 2.84
N GLY A 224 5.44 -6.88 3.76
CA GLY A 224 4.92 -6.96 5.10
C GLY A 224 4.44 -8.37 5.41
N ARG A 225 4.13 -8.57 6.70
CA ARG A 225 3.47 -9.80 7.10
C ARG A 225 2.00 -9.70 6.73
N ILE A 226 1.51 -10.70 6.01
CA ILE A 226 0.12 -10.78 5.60
C ILE A 226 -0.57 -11.80 6.48
N VAL A 227 -1.66 -11.40 7.15
CA VAL A 227 -2.40 -12.25 8.07
C VAL A 227 -3.82 -12.38 7.54
N TRP A 228 -4.39 -13.58 7.63
CA TRP A 228 -5.78 -13.76 7.25
C TRP A 228 -6.49 -14.63 8.27
N ALA A 229 -7.80 -14.44 8.36
CA ALA A 229 -8.63 -15.23 9.27
C ALA A 229 -9.97 -15.46 8.59
N ASN A 230 -10.40 -16.72 8.51
CA ASN A 230 -11.63 -17.09 7.84
C ASN A 230 -12.74 -17.32 8.85
N GLY A 231 -13.97 -17.31 8.33
CA GLY A 231 -15.09 -17.86 9.06
C GLY A 231 -15.82 -16.87 9.93
N PRO A 232 -16.62 -17.38 10.88
CA PRO A 232 -17.43 -16.48 11.72
C PRO A 232 -16.61 -15.44 12.44
N GLN A 233 -15.37 -15.76 12.79
CA GLN A 233 -14.49 -14.84 13.46
C GLN A 233 -14.06 -13.67 12.58
N SER A 234 -14.26 -13.75 11.25
CA SER A 234 -13.58 -12.80 10.35
C SER A 234 -14.03 -11.38 10.62
N VAL A 235 -15.33 -11.16 10.72
CA VAL A 235 -15.86 -9.80 10.80
C VAL A 235 -15.63 -9.20 12.19
N PRO A 236 -15.85 -9.92 13.30
CA PRO A 236 -15.40 -9.40 14.60
C PRO A 236 -13.93 -8.98 14.62
N LEU A 237 -13.02 -9.82 14.10
CA LEU A 237 -11.62 -9.44 14.06
C LEU A 237 -11.40 -8.23 13.16
N LEU A 238 -12.10 -8.18 12.03
CA LEU A 238 -12.03 -7.01 11.16
C LEU A 238 -12.47 -5.74 11.92
N VAL A 239 -13.58 -5.82 12.63
CA VAL A 239 -14.08 -4.63 13.33
C VAL A 239 -13.07 -4.18 14.39
N GLU A 240 -12.58 -5.13 15.18
CA GLU A 240 -11.62 -4.79 16.22
C GLU A 240 -10.39 -4.10 15.63
N ARG A 241 -9.91 -4.59 14.49
CA ARG A 241 -8.77 -3.96 13.85
C ARG A 241 -9.10 -2.56 13.34
N LEU A 242 -10.27 -2.41 12.70
CA LEU A 242 -10.63 -1.13 12.08
C LEU A 242 -10.85 -0.04 13.11
N ARG A 243 -11.22 -0.42 14.34
CA ARG A 243 -11.29 0.55 15.44
C ARG A 243 -10.03 1.42 15.49
N GLY A 244 -8.89 0.84 15.12
CA GLY A 244 -7.64 1.58 15.13
C GLY A 244 -7.62 2.78 14.23
N TRP A 245 -8.58 2.90 13.31
CA TRP A 245 -8.63 4.08 12.45
C TRP A 245 -9.65 5.11 12.93
N ASP A 246 -10.08 5.05 14.19
CA ASP A 246 -10.99 6.09 14.66
C ASP A 246 -10.35 7.47 14.72
N TYR A 247 -9.03 7.57 14.58
CA TYR A 247 -8.36 8.86 14.52
C TYR A 247 -8.63 9.61 13.22
N LEU A 248 -9.17 8.93 12.20
CA LEU A 248 -9.34 9.54 10.89
C LEU A 248 -10.24 10.76 10.93
N CYS A 249 -11.44 10.66 11.52
CA CYS A 249 -12.35 11.80 11.47
C CYS A 249 -11.81 13.02 12.20
N PRO A 250 -11.36 12.95 13.46
CA PRO A 250 -10.76 14.15 14.05
C PRO A 250 -9.59 14.67 13.24
N LEU A 251 -8.76 13.77 12.71
CA LEU A 251 -7.62 14.24 11.93
C LEU A 251 -8.09 14.92 10.65
N ALA A 252 -9.05 14.31 9.95
CA ALA A 252 -9.56 14.93 8.73
C ALA A 252 -10.22 16.27 9.01
N ALA A 253 -10.83 16.43 10.19
CA ALA A 253 -11.51 17.69 10.52
C ALA A 253 -10.52 18.85 10.69
N ARG A 254 -9.32 18.58 11.18
CA ARG A 254 -8.33 19.63 11.39
C ARG A 254 -8.01 20.34 10.08
N ASN A 255 -7.66 21.62 10.18
CA ASN A 255 -7.23 22.38 9.01
C ASN A 255 -5.77 22.81 9.12
N ASP A 256 -5.08 22.46 10.20
CA ASP A 256 -3.64 22.66 10.34
C ASP A 256 -2.84 21.45 9.87
N LEU A 257 -3.35 20.72 8.86
CA LEU A 257 -2.75 19.45 8.47
C LEU A 257 -1.41 19.63 7.75
N SER A 258 -0.38 18.98 8.28
CA SER A 258 0.88 18.85 7.57
C SER A 258 0.72 17.95 6.34
N THR A 259 1.71 17.99 5.44
CA THR A 259 1.70 17.12 4.27
C THR A 259 1.64 15.65 4.68
N GLU A 260 2.27 15.31 5.80
CA GLU A 260 2.19 13.96 6.31
C GLU A 260 0.76 13.62 6.72
N HIS A 261 0.15 14.45 7.58
CA HIS A 261 -1.21 14.20 8.02
C HIS A 261 -2.20 14.23 6.86
N ALA A 262 -1.92 15.02 5.83
CA ALA A 262 -2.75 14.97 4.62
C ALA A 262 -2.68 13.58 3.98
N ARG A 263 -1.47 13.04 3.85
CA ARG A 263 -1.32 11.68 3.34
C ARG A 263 -2.02 10.67 4.26
N ASP A 264 -1.85 10.82 5.58
CA ASP A 264 -2.53 9.94 6.53
C ASP A 264 -4.04 9.90 6.24
N VAL A 265 -4.65 11.06 6.01
CA VAL A 265 -6.09 11.11 5.77
C VAL A 265 -6.42 10.44 4.44
N ALA A 266 -5.71 10.82 3.38
CA ALA A 266 -5.97 10.27 2.05
C ALA A 266 -5.90 8.74 2.05
N LEU A 267 -4.85 8.20 2.67
CA LEU A 267 -4.66 6.75 2.67
C LEU A 267 -5.65 6.06 3.59
N GLY A 268 -6.01 6.71 4.70
CA GLY A 268 -7.08 6.18 5.53
C GLY A 268 -8.41 6.16 4.81
N ARG A 269 -8.74 7.25 4.12
CA ARG A 269 -9.94 7.24 3.30
C ARG A 269 -9.88 6.11 2.28
N TYR A 270 -8.73 5.95 1.63
CA TYR A 270 -8.60 4.91 0.61
C TYR A 270 -8.75 3.52 1.20
N LEU A 271 -8.26 3.30 2.43
CA LEU A 271 -8.49 2.02 3.08
C LEU A 271 -9.97 1.69 3.14
N PHE A 272 -10.77 2.69 3.51
CA PHE A 272 -12.21 2.48 3.66
C PHE A 272 -12.92 2.46 2.32
N LEU A 273 -12.42 3.19 1.32
CA LEU A 273 -12.98 3.05 -0.03
C LEU A 273 -12.76 1.64 -0.56
N ALA A 274 -11.53 1.13 -0.45
CA ALA A 274 -11.27 -0.23 -0.93
C ALA A 274 -12.07 -1.25 -0.13
N LEU A 275 -12.18 -1.05 1.19
CA LEU A 275 -13.05 -1.91 1.99
C LEU A 275 -14.49 -1.87 1.47
N THR A 276 -14.97 -0.68 1.12
CA THR A 276 -16.35 -0.55 0.67
C THR A 276 -16.59 -1.33 -0.61
N ASP A 277 -15.62 -1.31 -1.54
CA ASP A 277 -15.76 -2.14 -2.73
C ASP A 277 -15.88 -3.62 -2.37
N GLU A 278 -15.19 -4.06 -1.30
CA GLU A 278 -15.30 -5.46 -0.91
C GLU A 278 -16.62 -5.77 -0.20
N LEU A 279 -17.18 -4.79 0.52
CA LEU A 279 -18.54 -4.97 1.03
C LEU A 279 -19.54 -5.10 -0.12
N ALA A 280 -19.42 -4.23 -1.13
CA ALA A 280 -20.26 -4.37 -2.32
C ALA A 280 -20.10 -5.75 -2.96
N PHE A 281 -18.86 -6.27 -3.02
CA PHE A 281 -18.70 -7.59 -3.61
C PHE A 281 -19.38 -8.65 -2.78
N ALA A 282 -19.31 -8.53 -1.44
CA ALA A 282 -20.02 -9.47 -0.56
C ALA A 282 -21.52 -9.44 -0.85
N ALA A 283 -22.10 -8.24 -0.94
CA ALA A 283 -23.52 -8.13 -1.28
C ALA A 283 -23.82 -8.82 -2.61
N TYR A 284 -22.98 -8.57 -3.62
CA TYR A 284 -23.16 -9.19 -4.93
C TYR A 284 -23.05 -10.72 -4.85
N ALA A 285 -22.04 -11.21 -4.14
CA ALA A 285 -21.85 -12.66 -4.05
C ALA A 285 -22.97 -13.33 -3.24
N ARG A 286 -23.36 -12.71 -2.12
CA ARG A 286 -24.45 -13.29 -1.33
C ARG A 286 -25.75 -13.33 -2.14
N ALA A 287 -26.03 -12.27 -2.90
CA ALA A 287 -27.23 -12.32 -3.76
C ALA A 287 -27.11 -13.45 -4.78
N GLY A 288 -25.90 -13.66 -5.33
CA GLY A 288 -25.68 -14.83 -6.16
C GLY A 288 -25.99 -16.13 -5.44
N THR A 289 -25.52 -16.26 -4.19
CA THR A 289 -25.81 -17.45 -3.41
C THR A 289 -27.33 -17.64 -3.24
N LEU A 290 -28.05 -16.54 -2.97
CA LEU A 290 -29.50 -16.66 -2.79
C LEU A 290 -30.19 -17.13 -4.04
N ARG A 291 -29.78 -16.62 -5.22
CA ARG A 291 -30.36 -17.08 -6.47
C ARG A 291 -30.02 -18.53 -6.74
N LEU A 292 -28.77 -18.94 -6.44
CA LEU A 292 -28.39 -20.34 -6.56
C LEU A 292 -29.27 -21.22 -5.69
N VAL A 293 -29.39 -20.85 -4.42
CA VAL A 293 -30.19 -21.62 -3.46
C VAL A 293 -31.65 -21.71 -3.91
N GLU A 294 -32.22 -20.59 -4.36
CA GLU A 294 -33.59 -20.62 -4.86
C GLU A 294 -33.74 -21.63 -5.99
N GLY A 295 -32.92 -21.51 -7.03
CA GLY A 295 -32.99 -22.43 -8.16
C GLY A 295 -32.82 -23.89 -7.76
N LEU A 296 -32.03 -24.15 -6.73
CA LEU A 296 -31.81 -25.51 -6.23
C LEU A 296 -32.98 -26.02 -5.37
N GLY A 297 -33.99 -25.21 -5.11
CA GLY A 297 -35.11 -25.63 -4.29
C GLY A 297 -34.84 -25.65 -2.80
N LEU A 298 -33.76 -25.05 -2.33
CA LEU A 298 -33.39 -25.11 -0.93
C LEU A 298 -33.73 -23.83 -0.16
N ALA A 299 -34.55 -22.95 -0.73
CA ALA A 299 -34.81 -21.68 -0.05
C ALA A 299 -35.52 -21.88 1.29
N GLY A 300 -36.32 -22.94 1.43
CA GLY A 300 -36.91 -23.28 2.71
C GLY A 300 -35.91 -23.54 3.82
N ALA A 301 -34.67 -23.89 3.46
CA ALA A 301 -33.66 -24.21 4.46
C ALA A 301 -33.39 -23.03 5.38
N VAL A 302 -33.34 -21.82 4.82
CA VAL A 302 -32.79 -20.67 5.52
C VAL A 302 -33.84 -19.68 5.95
N GLY A 303 -35.11 -19.90 5.58
CA GLY A 303 -36.23 -19.16 6.14
C GLY A 303 -36.11 -17.65 6.14
N GLY A 304 -35.96 -17.05 4.98
CA GLY A 304 -36.08 -15.61 4.85
C GLY A 304 -34.86 -14.81 5.25
N LEU A 305 -33.80 -15.43 5.73
CA LEU A 305 -32.59 -14.67 6.05
C LEU A 305 -32.00 -14.07 4.79
N ARG A 306 -31.53 -12.83 4.88
CA ARG A 306 -31.08 -12.08 3.71
C ARG A 306 -29.67 -11.56 3.95
N PRO A 307 -28.67 -12.43 3.85
CA PRO A 307 -27.29 -11.94 3.98
C PRO A 307 -26.94 -10.94 2.90
N ASP A 308 -27.59 -11.04 1.74
CA ASP A 308 -27.33 -10.06 0.69
C ASP A 308 -27.71 -8.65 1.14
N GLU A 309 -28.84 -8.51 1.83
CA GLU A 309 -29.27 -7.21 2.28
C GLU A 309 -28.41 -6.71 3.45
N ALA A 310 -27.99 -7.62 4.32
CA ALA A 310 -27.14 -7.21 5.43
C ALA A 310 -25.83 -6.65 4.91
N TRP A 311 -25.21 -7.33 3.94
CA TRP A 311 -23.97 -6.80 3.40
C TRP A 311 -24.21 -5.54 2.58
N ARG A 312 -25.36 -5.44 1.92
CA ARG A 312 -25.68 -4.20 1.21
C ARG A 312 -25.77 -3.03 2.18
N LEU A 313 -26.26 -3.28 3.41
CA LEU A 313 -26.31 -2.20 4.38
C LEU A 313 -24.90 -1.82 4.83
N ALA A 314 -24.04 -2.81 5.07
CA ALA A 314 -22.66 -2.53 5.42
C ALA A 314 -21.99 -1.74 4.30
N TRP A 315 -22.25 -2.14 3.05
CA TRP A 315 -21.73 -1.41 1.89
C TRP A 315 -22.12 0.07 1.95
N ARG A 316 -23.42 0.34 2.13
CA ARG A 316 -23.87 1.74 2.19
C ARG A 316 -23.19 2.49 3.33
N SER A 317 -23.03 1.83 4.48
CA SER A 317 -22.36 2.49 5.59
C SER A 317 -20.90 2.79 5.28
N GLY A 318 -20.23 1.88 4.56
CA GLY A 318 -18.87 2.15 4.14
C GLY A 318 -18.79 3.34 3.20
N GLN A 319 -19.73 3.43 2.25
CA GLN A 319 -19.79 4.58 1.34
C GLN A 319 -19.91 5.89 2.11
N LYS A 320 -20.86 5.96 3.05
CA LYS A 320 -21.03 7.19 3.82
C LYS A 320 -19.76 7.54 4.58
N LEU A 321 -19.09 6.53 5.16
CA LEU A 321 -17.89 6.78 5.94
C LEU A 321 -16.77 7.36 5.07
N TYR A 322 -16.41 6.68 3.98
CA TYR A 322 -15.29 7.21 3.20
C TYR A 322 -15.66 8.51 2.49
N ARG A 323 -16.94 8.74 2.23
CA ARG A 323 -17.31 10.00 1.60
C ARG A 323 -17.25 11.17 2.58
N ARG A 324 -17.64 10.96 3.84
CA ARG A 324 -17.77 12.07 4.78
C ARG A 324 -16.77 12.04 5.92
N LEU A 325 -16.35 10.85 6.36
CA LEU A 325 -15.47 10.70 7.54
C LEU A 325 -16.02 11.50 8.72
N ASP A 326 -17.32 11.37 8.96
CA ASP A 326 -17.96 11.95 10.13
C ASP A 326 -17.68 11.10 11.36
N ARG A 327 -17.90 11.70 12.52
CA ARG A 327 -17.50 11.06 13.78
C ARG A 327 -18.19 9.72 13.99
N GLN A 328 -19.47 9.64 13.63
CA GLN A 328 -20.32 8.49 13.94
C GLN A 328 -20.49 7.54 12.75
N ASN A 329 -19.92 7.87 11.59
CA ASN A 329 -20.01 6.99 10.44
C ASN A 329 -19.29 5.66 10.70
N LEU A 330 -18.17 5.72 11.40
CA LEU A 330 -17.38 4.52 11.64
C LEU A 330 -18.14 3.53 12.51
N SER A 331 -18.75 4.01 13.59
CA SER A 331 -19.53 3.14 14.45
C SER A 331 -20.76 2.62 13.73
N ALA A 332 -21.37 3.42 12.84
CA ALA A 332 -22.46 2.91 12.02
C ALA A 332 -22.00 1.77 11.12
N LEU A 333 -20.82 1.93 10.51
CA LEU A 333 -20.27 0.82 9.74
C LEU A 333 -20.06 -0.41 10.61
N PHE A 334 -19.48 -0.23 11.80
CA PHE A 334 -19.27 -1.38 12.69
C PHE A 334 -20.58 -2.07 13.02
N SER A 335 -21.64 -1.29 13.28
CA SER A 335 -22.96 -1.89 13.57
C SER A 335 -23.46 -2.71 12.39
N ALA A 336 -23.32 -2.17 11.18
CA ALA A 336 -23.79 -2.89 9.99
C ALA A 336 -23.00 -4.18 9.78
N LEU A 337 -21.70 -4.15 10.05
CA LEU A 337 -20.88 -5.34 9.85
C LEU A 337 -21.24 -6.44 10.86
N GLU A 338 -21.43 -6.07 12.12
CA GLU A 338 -21.89 -7.04 13.12
C GLU A 338 -23.15 -7.74 12.66
N LYS A 339 -24.13 -6.96 12.18
CA LYS A 339 -25.38 -7.56 11.75
C LYS A 339 -25.14 -8.51 10.58
N ALA A 340 -24.30 -8.13 9.61
CA ALA A 340 -24.01 -9.02 8.48
C ALA A 340 -23.29 -10.28 8.96
N ALA A 341 -22.36 -10.14 9.91
CA ALA A 341 -21.67 -11.30 10.45
C ALA A 341 -22.66 -12.26 11.09
N GLU A 342 -23.65 -11.72 11.78
CA GLU A 342 -24.57 -12.57 12.52
C GLU A 342 -25.54 -13.26 11.57
N VAL A 343 -26.01 -12.55 10.54
CA VAL A 343 -26.85 -13.17 9.52
C VAL A 343 -26.07 -14.24 8.76
N ASP A 344 -24.80 -13.98 8.46
CA ASP A 344 -24.00 -14.93 7.70
C ASP A 344 -23.88 -16.26 8.43
N VAL A 345 -23.53 -16.22 9.72
CA VAL A 345 -23.27 -17.47 10.43
C VAL A 345 -24.55 -18.30 10.55
N GLU A 346 -25.69 -17.66 10.84
CA GLU A 346 -26.93 -18.43 10.93
C GLU A 346 -27.34 -18.96 9.56
N TYR A 347 -27.21 -18.15 8.52
CA TYR A 347 -27.54 -18.60 7.17
C TYR A 347 -26.72 -19.82 6.78
N ALA A 348 -25.41 -19.74 7.01
CA ALA A 348 -24.50 -20.82 6.63
C ALA A 348 -24.86 -22.10 7.37
N ARG A 349 -25.09 -22.02 8.67
CA ARG A 349 -25.38 -23.20 9.47
C ARG A 349 -26.67 -23.88 8.99
N ARG A 350 -27.73 -23.11 8.80
CA ARG A 350 -28.95 -23.76 8.34
C ARG A 350 -28.86 -24.24 6.90
N LEU A 351 -28.18 -23.51 6.02
CA LEU A 351 -28.05 -23.98 4.63
C LEU A 351 -27.26 -25.27 4.57
N LEU A 352 -26.11 -25.34 5.24
CA LEU A 352 -25.28 -26.54 5.17
C LEU A 352 -26.02 -27.76 5.67
N LYS A 353 -26.94 -27.57 6.62
CA LYS A 353 -27.69 -28.72 7.14
C LYS A 353 -28.47 -29.44 6.03
N GLU A 354 -28.94 -28.70 5.02
CA GLU A 354 -29.75 -29.28 3.97
C GLU A 354 -28.96 -29.72 2.74
N LEU A 355 -27.63 -29.74 2.81
CA LEU A 355 -26.87 -29.97 1.58
C LEU A 355 -26.27 -31.37 1.50
N GLN B 10 26.52 9.77 21.90
CA GLN B 10 25.89 9.10 23.03
C GLN B 10 24.90 8.02 22.59
N THR B 11 24.13 8.29 21.53
CA THR B 11 23.22 7.32 20.95
C THR B 11 23.47 7.25 19.44
N LEU B 12 23.39 6.04 18.90
CA LEU B 12 23.59 5.80 17.48
C LEU B 12 22.26 5.90 16.74
N HIS B 13 22.34 6.12 15.43
CA HIS B 13 21.11 6.34 14.65
C HIS B 13 21.35 6.00 13.19
N ALA B 14 20.29 6.03 12.40
CA ALA B 14 20.36 5.55 11.02
C ALA B 14 19.09 6.00 10.28
N PRO B 15 19.07 5.87 8.95
CA PRO B 15 17.90 6.36 8.19
C PRO B 15 16.62 5.56 8.41
N HIS B 16 16.70 4.30 8.79
CA HIS B 16 15.53 3.54 9.20
C HIS B 16 15.57 3.41 10.72
N CYS B 17 14.48 3.80 11.39
CA CYS B 17 14.55 3.91 12.85
C CYS B 17 14.86 2.56 13.51
N GLU B 18 14.31 1.47 12.99
CA GLU B 18 14.62 0.17 13.58
C GLU B 18 16.10 -0.17 13.41
N VAL B 19 16.72 0.33 12.35
CA VAL B 19 18.13 0.06 12.12
C VAL B 19 18.98 0.81 13.15
N GLY B 20 18.70 2.11 13.32
CA GLY B 20 19.38 2.88 14.34
C GLY B 20 19.18 2.29 15.73
N CYS B 21 18.00 1.74 16.00
CA CYS B 21 17.75 1.10 17.28
C CYS B 21 18.67 -0.09 17.46
N ALA B 22 18.69 -0.98 16.46
CA ALA B 22 19.55 -2.15 16.48
C ALA B 22 21.03 -1.76 16.69
N ALA B 23 21.46 -0.63 16.11
CA ALA B 23 22.85 -0.20 16.26
C ALA B 23 23.20 0.04 17.73
N ASN B 24 22.30 0.68 18.47
CA ASN B 24 22.55 0.91 19.89
C ASN B 24 22.65 -0.41 20.64
N VAL B 25 21.76 -1.35 20.34
CA VAL B 25 21.81 -2.63 21.04
C VAL B 25 23.08 -3.36 20.69
N ALA B 26 23.47 -3.33 19.41
CA ALA B 26 24.68 -4.04 18.99
C ALA B 26 25.91 -3.51 19.73
N ARG B 27 25.99 -2.19 19.89
CA ARG B 27 27.16 -1.64 20.58
C ARG B 27 27.29 -2.16 22.01
N ARG B 28 26.16 -2.43 22.68
CA ARG B 28 26.22 -2.93 24.05
C ARG B 28 27.02 -4.22 24.15
N VAL B 29 27.04 -5.01 23.08
CA VAL B 29 27.66 -6.32 23.10
C VAL B 29 28.92 -6.35 22.23
N GLY B 30 29.45 -5.18 21.90
CA GLY B 30 30.71 -5.10 21.22
C GLY B 30 30.64 -5.22 19.71
N VAL B 31 29.48 -5.03 19.12
CA VAL B 31 29.31 -5.18 17.68
C VAL B 31 29.02 -3.81 17.06
N ASP B 32 29.82 -3.44 16.05
CA ASP B 32 29.65 -2.18 15.34
C ASP B 32 28.71 -2.49 14.18
N LEU B 33 27.42 -2.25 14.37
CA LEU B 33 26.43 -2.71 13.40
C LEU B 33 26.67 -2.10 12.03
N ALA B 34 26.87 -0.78 11.99
CA ALA B 34 27.01 -0.09 10.70
C ALA B 34 28.22 -0.63 9.92
N ARG B 35 29.33 -0.92 10.61
CA ARG B 35 30.53 -1.37 9.90
C ARG B 35 30.55 -2.88 9.69
N GLN B 36 30.29 -3.65 10.73
CA GLN B 36 30.53 -5.09 10.68
C GLN B 36 29.34 -5.91 10.23
N VAL B 37 28.14 -5.34 10.23
CA VAL B 37 26.93 -6.11 9.96
C VAL B 37 26.26 -5.55 8.71
N ILE B 38 25.83 -4.30 8.78
CA ILE B 38 25.28 -3.62 7.61
C ILE B 38 26.35 -3.47 6.55
N GLY B 39 27.51 -2.92 6.95
CA GLY B 39 28.62 -2.69 6.05
C GLY B 39 29.18 -3.97 5.46
N ALA B 40 29.00 -5.09 6.15
CA ALA B 40 29.43 -6.39 5.62
C ALA B 40 28.41 -7.00 4.68
N HIS B 41 27.26 -6.38 4.47
CA HIS B 41 26.23 -6.97 3.62
C HIS B 41 25.94 -6.07 2.41
N TRP B 42 26.67 -6.32 1.32
CA TRP B 42 26.58 -5.55 0.10
C TRP B 42 25.39 -6.03 -0.72
N ALA B 43 24.50 -5.10 -1.10
CA ALA B 43 23.25 -5.55 -1.71
C ALA B 43 22.60 -4.43 -2.51
N SER B 44 21.87 -4.83 -3.56
CA SER B 44 21.19 -3.87 -4.42
C SER B 44 20.02 -4.59 -5.08
N ARG B 45 18.79 -4.13 -4.81
CA ARG B 45 17.60 -4.88 -5.21
C ARG B 45 16.47 -3.93 -5.55
N MET B 46 15.88 -4.15 -6.73
CA MET B 46 14.64 -3.51 -7.12
C MET B 46 13.45 -4.35 -6.67
N LEU B 47 12.43 -3.69 -6.13
CA LEU B 47 11.24 -4.35 -5.63
C LEU B 47 10.01 -3.70 -6.23
N VAL B 48 9.08 -4.52 -6.72
CA VAL B 48 7.82 -4.04 -7.27
C VAL B 48 6.68 -4.86 -6.68
N ARG B 49 5.56 -4.20 -6.36
CA ARG B 49 4.30 -4.87 -6.08
C ARG B 49 3.33 -4.51 -7.20
N GLU B 50 2.78 -5.51 -7.87
CA GLU B 50 1.99 -5.25 -9.07
C GLU B 50 0.87 -6.28 -9.17
N VAL B 51 -0.01 -6.08 -10.15
CA VAL B 51 -1.12 -7.01 -10.32
C VAL B 51 -0.57 -8.40 -10.63
N GLY B 52 -1.11 -9.41 -9.94
CA GLY B 52 -0.81 -10.81 -10.19
C GLY B 52 -2.09 -11.62 -10.33
N THR B 53 -2.05 -12.85 -9.84
CA THR B 53 -3.23 -13.73 -9.92
C THR B 53 -4.34 -13.23 -9.00
N PHE B 54 -5.56 -13.13 -9.53
CA PHE B 54 -6.71 -12.80 -8.69
C PHE B 54 -7.09 -14.00 -7.84
N PRO B 55 -7.55 -13.80 -6.59
CA PRO B 55 -7.81 -12.50 -5.97
C PRO B 55 -6.62 -11.99 -5.20
N GLN B 56 -6.47 -10.68 -5.10
N GLN B 56 -6.51 -10.67 -5.06
CA GLN B 56 -5.42 -10.08 -4.26
CA GLN B 56 -5.44 -10.03 -4.31
C GLN B 56 -6.03 -8.85 -3.59
C GLN B 56 -6.02 -8.83 -3.57
N PRO B 57 -6.85 -9.08 -2.56
CA PRO B 57 -7.60 -7.97 -1.95
C PRO B 57 -6.72 -6.88 -1.35
N LEU B 58 -5.51 -7.21 -0.90
CA LEU B 58 -4.65 -6.18 -0.32
C LEU B 58 -3.82 -5.45 -1.36
N LEU B 59 -4.01 -5.75 -2.65
CA LEU B 59 -3.30 -5.03 -3.71
C LEU B 59 -4.06 -3.72 -3.94
N ASP B 60 -3.54 -2.65 -3.37
CA ASP B 60 -4.15 -1.34 -3.46
C ASP B 60 -3.50 -0.45 -4.50
N ARG B 61 -2.27 -0.75 -4.91
CA ARG B 61 -1.58 0.10 -5.87
C ARG B 61 -0.30 -0.57 -6.36
N THR B 62 0.00 -0.35 -7.64
CA THR B 62 1.32 -0.68 -8.14
C THR B 62 2.32 0.19 -7.39
N GLN B 63 3.41 -0.43 -6.94
CA GLN B 63 4.32 0.20 -5.99
C GLN B 63 5.74 -0.28 -6.29
N VAL B 64 6.69 0.66 -6.27
CA VAL B 64 8.08 0.40 -6.66
C VAL B 64 8.99 0.95 -5.56
N THR B 65 9.99 0.18 -5.14
CA THR B 65 11.02 0.73 -4.26
C THR B 65 12.37 0.04 -4.52
N PHE B 66 13.36 0.44 -3.73
CA PHE B 66 14.73 -0.06 -3.81
C PHE B 66 15.19 -0.48 -2.42
N SER B 67 16.07 -1.47 -2.37
CA SER B 67 16.65 -1.86 -1.09
C SER B 67 18.12 -2.25 -1.23
N ALA B 68 18.95 -1.67 -0.36
CA ALA B 68 20.31 -2.13 -0.13
C ALA B 68 20.41 -2.96 1.15
N GLN B 69 19.28 -3.38 1.74
CA GLN B 69 19.31 -4.15 2.98
C GLN B 69 19.55 -5.64 2.78
N GLY B 70 19.31 -6.17 1.59
CA GLY B 70 19.59 -7.59 1.32
C GLY B 70 18.80 -8.47 2.27
N GLU B 71 19.52 -9.43 2.88
CA GLU B 71 18.92 -10.31 3.89
C GLU B 71 18.45 -9.55 5.12
N GLY B 72 19.05 -8.41 5.40
CA GLY B 72 18.59 -7.59 6.50
C GLY B 72 19.40 -7.83 7.77
N TRP B 73 19.55 -6.76 8.56
CA TRP B 73 20.31 -6.87 9.81
C TRP B 73 19.81 -7.95 10.77
N PRO B 74 18.50 -8.26 10.88
CA PRO B 74 18.13 -9.32 11.86
C PRO B 74 18.74 -10.66 11.48
N ALA B 75 18.73 -11.00 10.19
CA ALA B 75 19.38 -12.23 9.76
C ALA B 75 20.88 -12.16 9.99
N LEU B 76 21.51 -11.07 9.56
CA LEU B 76 22.97 -10.97 9.68
C LEU B 76 23.40 -10.92 11.13
N LEU B 77 22.71 -10.10 11.95
CA LEU B 77 23.15 -9.91 13.33
C LEU B 77 23.03 -11.21 14.13
N ALA B 78 21.93 -11.94 13.96
CA ALA B 78 21.81 -13.24 14.62
C ALA B 78 22.91 -14.18 14.18
N ARG B 79 23.14 -14.25 12.87
CA ARG B 79 24.09 -15.20 12.32
C ARG B 79 25.50 -14.91 12.79
N MET B 80 25.89 -13.64 12.80
CA MET B 80 27.27 -13.29 13.12
C MET B 80 27.55 -13.44 14.59
N THR B 81 26.59 -13.09 15.47
CA THR B 81 26.82 -13.19 16.91
C THR B 81 26.56 -14.59 17.45
N GLY B 82 25.89 -15.43 16.68
CA GLY B 82 25.40 -16.69 17.21
C GLY B 82 24.19 -16.57 18.11
N GLY B 83 23.57 -15.39 18.15
CA GLY B 83 22.41 -15.14 18.98
C GLY B 83 21.11 -15.24 18.21
N GLU B 84 20.10 -14.52 18.69
CA GLU B 84 18.77 -14.55 18.09
C GLU B 84 18.16 -13.16 18.13
N VAL B 85 17.38 -12.85 17.10
CA VAL B 85 16.62 -11.62 16.98
C VAL B 85 15.17 -12.05 16.77
N THR B 86 14.35 -11.98 17.83
CA THR B 86 13.08 -12.69 17.84
C THR B 86 11.92 -11.76 18.18
N SER B 87 10.88 -11.79 17.35
CA SER B 87 9.65 -11.03 17.61
C SER B 87 8.68 -11.88 18.41
N ARG B 88 7.95 -11.23 19.33
CA ARG B 88 6.95 -11.91 20.15
C ARG B 88 6.14 -10.86 20.90
N HIS B 89 4.89 -11.21 21.23
CA HIS B 89 4.04 -10.36 22.06
C HIS B 89 4.09 -10.90 23.49
N VAL B 90 4.29 -10.02 24.46
CA VAL B 90 4.33 -10.46 25.86
C VAL B 90 3.22 -9.76 26.63
N PRO B 91 2.63 -10.42 27.63
CA PRO B 91 1.56 -9.79 28.39
C PRO B 91 2.10 -8.69 29.27
N ARG B 92 1.21 -7.74 29.58
CA ARG B 92 1.62 -6.51 30.26
C ARG B 92 2.33 -6.78 31.58
N GLU B 93 1.89 -7.79 32.33
CA GLU B 93 2.52 -8.07 33.61
C GLU B 93 3.94 -8.60 33.45
N GLU B 94 4.36 -8.91 32.23
CA GLU B 94 5.67 -9.48 31.99
C GLU B 94 6.58 -8.59 31.16
N LEU B 95 6.11 -7.40 30.75
CA LEU B 95 6.92 -6.56 29.87
C LEU B 95 8.21 -6.10 30.55
N LEU B 96 8.10 -5.54 31.76
CA LEU B 96 9.28 -4.94 32.38
C LEU B 96 10.33 -5.99 32.68
N SER B 97 9.91 -7.16 33.19
CA SER B 97 10.88 -8.20 33.44
C SER B 97 11.42 -8.78 32.13
N THR B 98 10.64 -8.71 31.04
CA THR B 98 11.18 -9.11 29.74
C THR B 98 12.26 -8.13 29.28
N LEU B 99 12.02 -6.83 29.45
CA LEU B 99 13.06 -5.84 29.14
C LEU B 99 14.34 -6.12 29.92
N HIS B 100 14.22 -6.40 31.22
CA HIS B 100 15.40 -6.68 32.03
C HIS B 100 16.10 -7.96 31.58
N ALA B 101 15.33 -9.00 31.22
CA ALA B 101 15.96 -10.25 30.81
C ALA B 101 16.65 -10.11 29.45
N ASP B 102 16.01 -9.40 28.51
CA ASP B 102 16.66 -9.10 27.23
C ASP B 102 17.95 -8.32 27.44
N ARG B 103 17.92 -7.34 28.34
CA ARG B 103 19.07 -6.46 28.52
C ARG B 103 20.29 -7.22 29.01
N ALA B 104 20.10 -8.32 29.74
CA ALA B 104 21.23 -9.12 30.18
C ALA B 104 21.96 -9.79 29.01
N GLU B 105 21.37 -9.82 27.82
CA GLU B 105 21.98 -10.48 26.67
C GLU B 105 22.00 -9.59 25.45
N GLY B 106 21.64 -8.30 25.58
CA GLY B 106 21.59 -7.42 24.43
C GLY B 106 20.61 -6.30 24.69
N GLY B 107 19.39 -6.43 24.17
CA GLY B 107 18.39 -5.40 24.37
C GLY B 107 17.11 -5.75 23.66
N THR B 108 16.22 -4.73 23.59
CA THR B 108 14.88 -4.90 23.05
C THR B 108 14.54 -3.71 22.17
N LEU B 109 13.93 -4.00 21.01
CA LEU B 109 13.19 -2.99 20.25
C LEU B 109 11.75 -3.09 20.69
N LEU B 110 11.25 -2.02 21.33
CA LEU B 110 9.89 -1.98 21.84
C LEU B 110 9.03 -1.17 20.87
N PHE B 111 7.93 -1.77 20.40
CA PHE B 111 7.02 -1.09 19.49
C PHE B 111 6.07 -0.18 20.25
N MET B 112 5.72 0.94 19.61
CA MET B 112 4.67 1.83 20.14
C MET B 112 4.26 2.78 19.04
N GLU B 113 3.08 3.38 19.21
CA GLU B 113 2.58 4.29 18.19
C GLU B 113 3.32 5.62 18.26
N ASP B 114 3.44 6.25 17.08
CA ASP B 114 4.03 7.58 17.01
C ASP B 114 3.46 8.52 18.07
N ARG B 115 2.14 8.48 18.26
CA ARG B 115 1.49 9.44 19.13
C ARG B 115 1.78 9.20 20.61
N ALA B 116 2.34 8.04 20.96
CA ALA B 116 2.80 7.85 22.34
C ALA B 116 4.14 8.53 22.63
N CYS B 117 4.85 9.01 21.60
CA CYS B 117 6.21 9.53 21.74
C CYS B 117 6.19 11.05 21.63
N PRO B 118 6.22 11.78 22.74
CA PRO B 118 6.01 13.25 22.66
C PRO B 118 6.96 13.95 21.73
N TRP B 119 8.20 13.46 21.61
CA TRP B 119 9.19 14.12 20.78
C TRP B 119 8.88 14.02 19.29
N LEU B 120 7.97 13.12 18.90
CA LEU B 120 7.57 13.01 17.49
C LEU B 120 6.49 14.01 17.11
N ASP B 121 5.86 14.67 18.09
CA ASP B 121 4.89 15.73 17.82
C ASP B 121 3.78 15.23 16.89
N SER B 122 3.21 14.08 17.22
CA SER B 122 2.25 13.38 16.38
C SER B 122 1.05 12.92 17.19
N ALA B 123 0.56 13.80 18.06
CA ALA B 123 -0.50 13.42 18.99
C ALA B 123 -1.76 12.93 18.28
N HIS B 124 -2.01 13.41 17.07
CA HIS B 124 -3.31 13.19 16.43
C HIS B 124 -3.31 12.05 15.42
N SER B 125 -2.20 11.31 15.31
CA SER B 125 -2.13 10.23 14.33
C SER B 125 -1.15 9.14 14.77
N PRO B 126 -1.52 7.87 14.65
CA PRO B 126 -0.55 6.79 14.89
C PRO B 126 0.35 6.51 13.71
N GLY B 127 0.25 7.31 12.64
CA GLY B 127 1.12 7.16 11.49
C GLY B 127 0.80 5.95 10.62
N MET B 128 1.56 5.90 9.53
CA MET B 128 1.46 4.81 8.56
C MET B 128 1.89 3.49 9.17
N LEU B 129 2.91 3.52 10.03
CA LEU B 129 3.57 2.33 10.54
C LEU B 129 3.87 2.57 12.00
N PRO B 130 4.01 1.50 12.78
CA PRO B 130 4.37 1.68 14.19
C PRO B 130 5.80 2.16 14.32
N HIS B 131 6.07 2.82 15.45
CA HIS B 131 7.42 3.22 15.84
C HIS B 131 8.08 2.12 16.68
N VAL B 132 9.41 2.19 16.81
CA VAL B 132 10.17 1.38 17.76
C VAL B 132 11.14 2.28 18.50
N VAL B 133 11.44 1.90 19.74
CA VAL B 133 12.43 2.56 20.58
C VAL B 133 13.21 1.48 21.33
N VAL B 134 14.33 1.88 21.94
CA VAL B 134 15.14 0.95 22.72
C VAL B 134 15.13 1.36 24.19
N PRO B 135 14.51 0.58 25.06
CA PRO B 135 14.64 0.84 26.51
C PRO B 135 16.10 0.75 26.92
N ASP B 136 16.52 1.72 27.75
CA ASP B 136 17.91 1.94 28.08
C ASP B 136 18.07 2.22 29.58
N GLY B 137 17.59 1.29 30.41
CA GLY B 137 17.63 1.53 31.86
C GLY B 137 16.68 2.65 32.25
N VAL B 138 16.83 3.10 33.51
CA VAL B 138 15.96 4.15 34.04
C VAL B 138 16.79 5.36 34.45
N ALA B 139 16.12 6.49 34.50
CA ALA B 139 16.65 7.75 35.00
C ALA B 139 16.54 7.77 36.53
N PRO B 140 17.14 8.77 37.19
CA PRO B 140 17.08 8.79 38.67
C PRO B 140 15.67 8.81 39.23
N ASP B 141 14.71 9.40 38.53
CA ASP B 141 13.34 9.43 39.02
C ASP B 141 12.57 8.14 38.75
N GLY B 142 13.21 7.15 38.13
CA GLY B 142 12.55 5.92 37.76
C GLY B 142 11.89 5.91 36.40
N SER B 143 11.95 7.02 35.64
CA SER B 143 11.42 6.98 34.29
C SER B 143 12.33 6.14 33.41
N TRP B 144 11.73 5.47 32.43
CA TRP B 144 12.56 4.69 31.51
C TRP B 144 13.21 5.64 30.52
N GLN B 145 14.49 5.39 30.22
CA GLN B 145 15.17 6.08 29.13
C GLN B 145 14.90 5.31 27.85
N LEU B 146 14.48 6.03 26.81
CA LEU B 146 14.11 5.42 25.54
C LEU B 146 14.99 5.99 24.44
N ILE B 147 15.77 5.12 23.80
CA ILE B 147 16.62 5.57 22.70
C ILE B 147 15.79 5.67 21.42
N GLU B 148 15.93 6.79 20.73
CA GLU B 148 15.29 7.03 19.45
C GLU B 148 16.33 6.79 18.36
N GLY B 149 16.02 5.85 17.45
CA GLY B 149 16.98 5.40 16.44
C GLY B 149 16.97 6.17 15.13
N HIS B 150 15.93 6.95 14.88
CA HIS B 150 15.93 7.74 13.65
C HIS B 150 16.78 8.99 13.80
N SER B 151 17.59 9.28 12.77
CA SER B 151 18.55 10.38 12.85
C SER B 151 17.88 11.70 13.19
N TRP B 152 16.73 11.99 12.57
CA TRP B 152 16.13 13.31 12.74
C TRP B 152 15.87 13.60 14.22
N TRP B 153 15.37 12.61 14.96
CA TRP B 153 15.03 12.81 16.36
C TRP B 153 16.03 12.14 17.30
N ARG B 154 17.25 11.87 16.82
CA ARG B 154 18.16 10.99 17.54
C ARG B 154 18.42 11.52 18.95
N GLY B 155 18.60 10.59 19.88
CA GLY B 155 18.82 10.90 21.27
C GLY B 155 18.04 9.95 22.15
N ARG B 156 17.81 10.40 23.38
CA ARG B 156 17.31 9.55 24.44
C ARG B 156 16.27 10.34 25.21
N TYR B 157 15.11 9.74 25.48
CA TYR B 157 13.98 10.47 26.07
C TYR B 157 13.46 9.71 27.28
N ALA B 158 13.05 10.46 28.29
CA ALA B 158 12.53 9.86 29.50
C ALA B 158 11.02 9.66 29.38
N MET B 159 10.55 8.51 29.84
CA MET B 159 9.12 8.28 29.89
C MET B 159 8.81 7.53 31.16
N SER B 160 7.79 8.01 31.88
CA SER B 160 7.38 7.37 33.11
C SER B 160 7.00 5.92 32.85
N GLU B 161 7.22 5.09 33.87
CA GLU B 161 6.91 3.67 33.75
C GLU B 161 5.43 3.47 33.42
N GLN B 162 4.55 4.26 34.05
CA GLN B 162 3.14 4.16 33.73
C GLN B 162 2.89 4.48 32.26
N ASP B 163 3.46 5.60 31.77
CA ASP B 163 3.27 5.93 30.36
C ASP B 163 3.86 4.84 29.46
N LEU B 164 5.01 4.27 29.84
CA LEU B 164 5.61 3.19 29.06
C LEU B 164 4.66 2.01 28.91
N LEU B 165 4.10 1.54 30.02
CA LEU B 165 3.17 0.42 29.96
C LEU B 165 1.94 0.79 29.12
N ALA B 166 1.42 2.00 29.30
CA ALA B 166 0.31 2.47 28.47
C ALA B 166 0.69 2.52 26.99
N ALA B 167 1.92 2.92 26.68
CA ALA B 167 2.34 3.01 25.28
C ALA B 167 2.45 1.64 24.63
N SER B 168 2.81 0.63 25.41
CA SER B 168 3.03 -0.69 24.85
C SER B 168 1.73 -1.46 24.67
N TYR B 169 0.66 -1.06 25.35
CA TYR B 169 -0.63 -1.75 25.26
C TYR B 169 -1.71 -0.73 24.89
N PRO B 170 -1.61 -0.14 23.71
CA PRO B 170 -2.56 0.91 23.32
C PRO B 170 -3.93 0.32 23.02
N ASP B 171 -4.92 1.19 23.09
CA ASP B 171 -6.28 0.84 22.71
C ASP B 171 -6.93 2.09 22.15
N PRO B 172 -7.39 2.05 20.88
CA PRO B 172 -7.24 0.91 19.99
C PRO B 172 -5.80 0.72 19.50
N ASP B 173 -5.56 -0.27 18.64
CA ASP B 173 -4.20 -0.69 18.25
C ASP B 173 -4.16 -1.00 16.76
N PRO B 174 -4.21 0.03 15.92
CA PRO B 174 -4.22 -0.20 14.47
C PRO B 174 -3.03 -1.00 13.97
N HIS B 175 -1.84 -0.76 14.53
CA HIS B 175 -0.65 -1.42 14.05
C HIS B 175 -0.42 -2.78 14.71
N HIS B 176 -1.23 -3.15 15.70
CA HIS B 176 -1.07 -4.41 16.41
C HIS B 176 0.31 -4.45 17.09
N VAL B 177 0.59 -3.43 17.89
CA VAL B 177 1.86 -3.32 18.62
C VAL B 177 1.73 -3.79 20.05
N ALA B 178 0.53 -4.14 20.51
CA ALA B 178 0.28 -4.42 21.92
C ALA B 178 1.24 -5.47 22.44
N GLY B 179 2.10 -5.08 23.36
CA GLY B 179 3.04 -6.01 23.97
C GLY B 179 4.09 -6.58 23.04
N ARG B 180 4.31 -5.94 21.89
CA ARG B 180 5.21 -6.48 20.89
C ARG B 180 6.64 -6.04 21.17
N VAL B 181 7.55 -7.01 21.26
CA VAL B 181 8.95 -6.74 21.47
C VAL B 181 9.76 -7.51 20.43
N LEU B 182 10.81 -6.88 19.95
CA LEU B 182 11.83 -7.55 19.16
C LEU B 182 13.01 -7.76 20.09
N SER B 183 13.23 -8.99 20.52
CA SER B 183 14.27 -9.29 21.51
C SER B 183 15.58 -9.58 20.79
N LEU B 184 16.63 -8.84 21.16
CA LEU B 184 17.97 -8.99 20.59
C LEU B 184 18.84 -9.62 21.66
N ARG B 185 18.88 -10.95 21.67
CA ARG B 185 19.76 -11.69 22.57
C ARG B 185 20.94 -12.12 21.72
N ILE B 186 21.97 -11.27 21.72
CA ILE B 186 22.97 -11.28 20.66
C ILE B 186 24.39 -11.18 21.19
N ARG B 187 24.57 -11.31 22.51
CA ARG B 187 25.92 -11.22 23.07
C ARG B 187 26.74 -12.41 22.55
N PRO B 188 27.79 -12.19 21.78
CA PRO B 188 28.59 -13.31 21.29
C PRO B 188 29.43 -13.89 22.41
N SER B 189 29.70 -15.19 22.29
CA SER B 189 30.73 -15.80 23.13
C SER B 189 32.06 -15.08 22.91
N ALA B 190 32.97 -15.25 23.88
CA ALA B 190 34.31 -14.68 23.73
C ALA B 190 34.96 -15.12 22.43
N GLU B 191 34.87 -16.40 22.09
CA GLU B 191 35.50 -16.89 20.86
C GLU B 191 34.87 -16.25 19.63
N ARG B 192 33.55 -16.10 19.65
CA ARG B 192 32.86 -15.51 18.51
C ARG B 192 33.17 -14.03 18.39
N ALA B 193 33.14 -13.32 19.53
CA ALA B 193 33.44 -11.89 19.55
C ALA B 193 34.84 -11.61 19.01
N ALA B 194 35.79 -12.51 19.27
CA ALA B 194 37.17 -12.25 18.87
C ALA B 194 37.36 -12.32 17.36
N GLN B 195 36.47 -12.98 16.62
CA GLN B 195 36.63 -13.10 15.17
C GLN B 195 35.57 -12.35 14.38
N LEU B 196 34.96 -11.31 14.99
CA LEU B 196 33.90 -10.56 14.31
C LEU B 196 34.40 -9.96 13.00
N ASP B 197 35.61 -9.43 12.95
CA ASP B 197 36.11 -8.87 11.70
C ASP B 197 36.33 -9.94 10.65
N THR B 198 36.78 -11.14 11.07
CA THR B 198 36.88 -12.24 10.11
C THR B 198 35.48 -12.62 9.60
N LEU B 199 34.52 -12.72 10.52
CA LEU B 199 33.15 -13.02 10.10
C LEU B 199 32.62 -11.94 9.16
N ALA B 200 32.88 -10.67 9.48
CA ALA B 200 32.44 -9.58 8.60
C ALA B 200 33.05 -9.73 7.21
N ARG B 201 34.36 -10.01 7.13
CA ARG B 201 35.01 -10.12 5.84
C ARG B 201 34.39 -11.25 5.02
N GLN B 202 34.01 -12.35 5.67
CA GLN B 202 33.40 -13.43 4.91
C GLN B 202 31.93 -13.12 4.57
N GLU B 203 31.22 -12.40 5.45
CA GLU B 203 29.90 -11.90 5.05
C GLU B 203 30.03 -10.96 3.86
N LEU B 204 31.05 -10.11 3.87
CA LEU B 204 31.24 -9.15 2.79
C LEU B 204 31.42 -9.84 1.45
N ALA B 205 32.31 -10.83 1.40
CA ALA B 205 32.52 -11.57 0.16
C ALA B 205 31.24 -12.27 -0.28
N ALA B 206 30.50 -12.85 0.67
CA ALA B 206 29.32 -13.61 0.31
C ALA B 206 28.26 -12.72 -0.35
N GLY B 207 28.01 -11.54 0.21
CA GLY B 207 27.03 -10.63 -0.39
C GLY B 207 27.50 -10.08 -1.73
N LEU B 208 28.80 -9.82 -1.87
CA LEU B 208 29.30 -9.39 -3.16
C LEU B 208 29.00 -10.43 -4.24
N ARG B 209 29.20 -11.71 -3.92
CA ARG B 209 28.92 -12.75 -4.91
C ARG B 209 27.42 -12.84 -5.20
N THR B 210 26.58 -12.73 -4.16
CA THR B 210 25.14 -12.68 -4.39
C THR B 210 24.79 -11.54 -5.35
N TYR B 211 25.33 -10.35 -5.05
CA TYR B 211 25.11 -9.20 -5.90
C TYR B 211 25.53 -9.48 -7.35
N LEU B 212 26.69 -10.10 -7.56
CA LEU B 212 27.13 -10.34 -8.94
C LEU B 212 26.32 -11.46 -9.60
N ALA B 213 25.83 -12.43 -8.84
CA ALA B 213 24.97 -13.47 -9.40
C ALA B 213 23.68 -12.89 -9.97
N ALA B 214 23.21 -11.76 -9.42
CA ALA B 214 22.09 -10.99 -10.00
C ALA B 214 20.86 -11.86 -10.26
N GLU B 215 20.44 -12.59 -9.23
CA GLU B 215 19.24 -13.37 -9.40
C GLU B 215 18.02 -12.48 -9.34
N CYS B 216 16.87 -13.08 -9.61
CA CYS B 216 15.60 -12.37 -9.49
C CYS B 216 14.49 -13.40 -9.36
N GLY B 217 13.31 -12.91 -9.01
CA GLY B 217 12.18 -13.81 -8.86
C GLY B 217 10.92 -13.02 -8.66
N GLU B 218 9.84 -13.77 -8.40
CA GLU B 218 8.56 -13.14 -8.10
C GLU B 218 7.72 -14.11 -7.28
N THR B 219 6.80 -13.53 -6.51
CA THR B 219 5.91 -14.30 -5.66
C THR B 219 4.52 -13.71 -5.73
N GLU B 220 3.50 -14.57 -5.80
CA GLU B 220 2.11 -14.15 -5.76
C GLU B 220 1.68 -14.12 -4.30
N THR B 221 1.04 -13.02 -3.89
CA THR B 221 0.58 -12.86 -2.52
C THR B 221 -0.80 -12.24 -2.54
N PRO B 222 -1.54 -12.30 -1.43
CA PRO B 222 -2.83 -11.59 -1.37
C PRO B 222 -2.68 -10.07 -1.51
N ALA B 223 -1.48 -9.52 -1.40
CA ALA B 223 -1.25 -8.09 -1.57
C ALA B 223 -0.76 -7.76 -2.95
N GLY B 224 -0.75 -8.73 -3.85
CA GLY B 224 -0.21 -8.54 -5.18
C GLY B 224 0.99 -9.43 -5.44
N ARG B 225 1.40 -9.43 -6.70
CA ARG B 225 2.63 -10.08 -7.11
C ARG B 225 3.82 -9.21 -6.70
N ILE B 226 4.79 -9.83 -6.05
CA ILE B 226 6.00 -9.13 -5.60
C ILE B 226 7.15 -9.58 -6.49
N VAL B 227 7.71 -8.64 -7.25
CA VAL B 227 8.80 -8.92 -8.18
C VAL B 227 10.07 -8.32 -7.60
N TRP B 228 11.17 -9.07 -7.66
CA TRP B 228 12.45 -8.57 -7.16
C TRP B 228 13.57 -8.91 -8.14
N ALA B 229 14.55 -8.01 -8.21
CA ALA B 229 15.72 -8.18 -9.06
C ALA B 229 16.96 -7.71 -8.32
N ASN B 230 17.96 -8.58 -8.23
CA ASN B 230 19.22 -8.34 -7.55
C ASN B 230 20.33 -7.92 -8.53
N GLY B 231 21.30 -7.17 -8.00
CA GLY B 231 22.56 -7.00 -8.68
C GLY B 231 22.69 -5.73 -9.50
N PRO B 232 23.67 -5.72 -10.42
CA PRO B 232 23.87 -4.52 -11.26
C PRO B 232 22.64 -4.13 -12.06
N GLN B 233 21.81 -5.09 -12.45
CA GLN B 233 20.59 -4.78 -13.18
C GLN B 233 19.56 -4.03 -12.33
N SER B 234 19.72 -4.03 -11.00
CA SER B 234 18.61 -3.58 -10.15
C SER B 234 18.27 -2.11 -10.41
N VAL B 235 19.27 -1.25 -10.46
CA VAL B 235 19.01 0.19 -10.57
C VAL B 235 18.51 0.51 -11.98
N PRO B 236 19.12 0.00 -13.06
CA PRO B 236 18.52 0.24 -14.39
C PRO B 236 17.07 -0.20 -14.48
N LEU B 237 16.72 -1.37 -13.93
CA LEU B 237 15.31 -1.78 -13.91
C LEU B 237 14.48 -0.84 -13.04
N LEU B 238 15.06 -0.34 -11.93
CA LEU B 238 14.34 0.59 -11.07
C LEU B 238 14.01 1.88 -11.82
N VAL B 239 15.01 2.43 -12.51
CA VAL B 239 14.81 3.69 -13.23
C VAL B 239 13.80 3.51 -14.35
N GLU B 240 13.94 2.43 -15.12
CA GLU B 240 12.97 2.15 -16.18
C GLU B 240 11.54 2.07 -15.64
N ARG B 241 11.36 1.40 -14.50
CA ARG B 241 10.02 1.30 -13.95
C ARG B 241 9.52 2.64 -13.41
N LEU B 242 10.41 3.42 -12.78
CA LEU B 242 10.00 4.70 -12.22
C LEU B 242 9.60 5.72 -13.29
N ARG B 243 10.05 5.53 -14.53
CA ARG B 243 9.63 6.43 -15.61
C ARG B 243 8.12 6.48 -15.72
N GLY B 244 7.43 5.40 -15.33
CA GLY B 244 5.98 5.36 -15.37
C GLY B 244 5.28 6.34 -14.45
N TRP B 245 6.02 6.95 -13.52
CA TRP B 245 5.43 7.95 -12.62
C TRP B 245 5.72 9.37 -13.07
N ASP B 246 6.08 9.58 -14.33
CA ASP B 246 6.20 10.96 -14.80
C ASP B 246 4.87 11.71 -14.81
N TYR B 247 3.73 11.01 -14.65
CA TYR B 247 2.46 11.73 -14.57
C TYR B 247 2.29 12.47 -13.26
N LEU B 248 3.09 12.13 -12.25
CA LEU B 248 2.83 12.61 -10.90
C LEU B 248 3.07 14.10 -10.79
N CYS B 249 4.17 14.59 -11.38
CA CYS B 249 4.49 16.00 -11.30
C CYS B 249 3.41 16.89 -11.91
N PRO B 250 3.01 16.72 -13.18
CA PRO B 250 1.91 17.54 -13.69
C PRO B 250 0.62 17.35 -12.90
N LEU B 251 0.38 16.14 -12.39
CA LEU B 251 -0.82 15.90 -11.59
C LEU B 251 -0.80 16.73 -10.31
N ALA B 252 0.34 16.76 -9.62
CA ALA B 252 0.43 17.46 -8.34
C ALA B 252 0.27 18.96 -8.50
N ALA B 253 0.57 19.49 -9.68
CA ALA B 253 0.40 20.91 -9.94
C ALA B 253 -1.03 21.28 -10.33
N ARG B 254 -1.89 20.29 -10.58
CA ARG B 254 -3.29 20.58 -10.88
C ARG B 254 -4.03 21.06 -9.64
N ASN B 255 -4.95 22.00 -9.86
CA ASN B 255 -5.72 22.61 -8.78
C ASN B 255 -6.91 21.76 -8.33
N ASP B 256 -7.19 20.65 -9.02
CA ASP B 256 -8.32 19.74 -8.77
C ASP B 256 -8.65 19.62 -7.29
N LEU B 257 -7.80 18.91 -6.55
CA LEU B 257 -8.02 18.67 -5.14
C LEU B 257 -9.40 18.05 -4.89
N SER B 258 -9.70 17.03 -5.68
CA SER B 258 -10.79 16.09 -5.36
C SER B 258 -10.26 15.01 -4.42
N THR B 259 -11.14 14.08 -4.03
CA THR B 259 -10.73 13.02 -3.12
C THR B 259 -9.79 12.02 -3.78
N GLU B 260 -10.10 11.57 -5.00
CA GLU B 260 -9.19 10.65 -5.69
C GLU B 260 -7.90 11.35 -6.09
N HIS B 261 -7.94 12.66 -6.34
CA HIS B 261 -6.74 13.39 -6.73
C HIS B 261 -5.76 13.52 -5.57
N ALA B 262 -6.27 13.93 -4.40
CA ALA B 262 -5.44 13.93 -3.20
C ALA B 262 -4.78 12.57 -2.98
N ARG B 263 -5.53 11.50 -3.17
CA ARG B 263 -5.01 10.16 -2.98
C ARG B 263 -3.89 9.85 -3.96
N ASP B 264 -4.13 10.10 -5.26
CA ASP B 264 -3.14 9.76 -6.27
C ASP B 264 -1.84 10.54 -6.04
N VAL B 265 -1.96 11.81 -5.66
CA VAL B 265 -0.78 12.61 -5.39
C VAL B 265 -0.08 12.11 -4.14
N ALA B 266 -0.86 11.83 -3.09
CA ALA B 266 -0.26 11.39 -1.83
C ALA B 266 0.48 10.06 -2.01
N LEU B 267 -0.18 9.08 -2.64
CA LEU B 267 0.47 7.79 -2.87
C LEU B 267 1.76 7.97 -3.66
N GLY B 268 1.74 8.88 -4.63
CA GLY B 268 2.92 9.05 -5.48
C GLY B 268 4.05 9.74 -4.74
N ARG B 269 3.72 10.81 -4.00
CA ARG B 269 4.73 11.47 -3.19
C ARG B 269 5.31 10.51 -2.15
N TYR B 270 4.46 9.66 -1.56
CA TYR B 270 4.92 8.72 -0.55
C TYR B 270 5.78 7.62 -1.15
N LEU B 271 5.47 7.19 -2.39
CA LEU B 271 6.36 6.27 -3.08
C LEU B 271 7.78 6.83 -3.11
N PHE B 272 7.92 8.09 -3.51
CA PHE B 272 9.25 8.66 -3.61
C PHE B 272 9.84 9.01 -2.25
N LEU B 273 9.00 9.37 -1.29
CA LEU B 273 9.48 9.56 0.07
C LEU B 273 10.09 8.27 0.62
N ALA B 274 9.32 7.17 0.56
CA ALA B 274 9.84 5.89 1.03
C ALA B 274 11.12 5.49 0.28
N LEU B 275 11.12 5.64 -1.04
CA LEU B 275 12.32 5.37 -1.82
C LEU B 275 13.50 6.20 -1.36
N THR B 276 13.27 7.48 -1.08
CA THR B 276 14.35 8.35 -0.64
C THR B 276 14.95 7.88 0.68
N ASP B 277 14.11 7.33 1.57
CA ASP B 277 14.65 6.75 2.80
C ASP B 277 15.56 5.56 2.51
N GLU B 278 15.23 4.75 1.49
CA GLU B 278 16.10 3.62 1.15
C GLU B 278 17.36 4.08 0.43
N LEU B 279 17.33 5.24 -0.24
CA LEU B 279 18.55 5.82 -0.78
C LEU B 279 19.44 6.34 0.36
N ALA B 280 18.83 6.96 1.37
CA ALA B 280 19.60 7.29 2.57
C ALA B 280 20.23 6.04 3.17
N PHE B 281 19.45 4.96 3.28
CA PHE B 281 20.03 3.74 3.83
C PHE B 281 21.18 3.24 2.97
N ALA B 282 21.04 3.29 1.64
CA ALA B 282 22.14 2.89 0.77
C ALA B 282 23.40 3.70 1.08
N ALA B 283 23.27 5.01 1.24
CA ALA B 283 24.46 5.82 1.53
C ALA B 283 25.06 5.44 2.88
N TYR B 284 24.20 5.21 3.87
CA TYR B 284 24.64 4.79 5.19
C TYR B 284 25.33 3.43 5.14
N ALA B 285 24.76 2.49 4.38
CA ALA B 285 25.35 1.16 4.33
C ALA B 285 26.69 1.16 3.59
N ARG B 286 26.73 1.78 2.42
CA ARG B 286 27.99 1.90 1.69
C ARG B 286 29.06 2.61 2.51
N ALA B 287 28.69 3.65 3.27
CA ALA B 287 29.68 4.26 4.16
C ALA B 287 30.18 3.24 5.17
N GLY B 288 29.27 2.43 5.73
CA GLY B 288 29.72 1.35 6.60
C GLY B 288 30.65 0.39 5.89
N THR B 289 30.34 0.06 4.63
CA THR B 289 31.23 -0.81 3.88
C THR B 289 32.62 -0.19 3.74
N LEU B 290 32.69 1.10 3.42
CA LEU B 290 34.01 1.73 3.26
C LEU B 290 34.82 1.64 4.56
N ARG B 291 34.17 1.83 5.71
CA ARG B 291 34.89 1.72 6.98
C ARG B 291 35.31 0.28 7.24
N LEU B 292 34.44 -0.69 6.92
CA LEU B 292 34.83 -2.09 7.05
C LEU B 292 36.05 -2.38 6.17
N VAL B 293 35.97 -2.00 4.90
CA VAL B 293 37.09 -2.18 3.97
C VAL B 293 38.34 -1.48 4.49
N GLU B 294 38.18 -0.25 5.00
CA GLU B 294 39.34 0.50 5.49
C GLU B 294 40.06 -0.27 6.60
N GLY B 295 39.33 -0.62 7.66
CA GLY B 295 39.95 -1.31 8.79
C GLY B 295 40.45 -2.70 8.47
N LEU B 296 39.93 -3.32 7.41
CA LEU B 296 40.45 -4.60 6.98
C LEU B 296 41.75 -4.47 6.18
N GLY B 297 42.15 -3.25 5.84
CA GLY B 297 43.35 -3.08 5.03
C GLY B 297 43.14 -3.32 3.55
N LEU B 298 41.91 -3.17 3.06
CA LEU B 298 41.58 -3.48 1.67
C LEU B 298 41.19 -2.26 0.84
N ALA B 299 41.34 -1.06 1.39
CA ALA B 299 40.93 0.13 0.63
C ALA B 299 41.69 0.25 -0.67
N GLY B 300 42.95 -0.19 -0.69
CA GLY B 300 43.73 -0.14 -1.91
C GLY B 300 43.13 -0.92 -3.06
N ALA B 301 42.29 -1.92 -2.76
CA ALA B 301 41.72 -2.71 -3.84
C ALA B 301 40.78 -1.91 -4.72
N VAL B 302 40.13 -0.89 -4.17
CA VAL B 302 39.06 -0.20 -4.90
C VAL B 302 39.48 1.15 -5.44
N GLY B 303 40.70 1.61 -5.13
CA GLY B 303 41.27 2.78 -5.76
C GLY B 303 40.48 4.07 -5.65
N GLY B 304 40.00 4.41 -4.46
CA GLY B 304 39.40 5.71 -4.23
C GLY B 304 37.93 5.86 -4.58
N LEU B 305 37.32 4.87 -5.22
CA LEU B 305 35.91 4.96 -5.58
C LEU B 305 35.05 5.21 -4.34
N ARG B 306 33.96 5.97 -4.50
CA ARG B 306 33.13 6.42 -3.37
C ARG B 306 31.66 6.11 -3.61
N PRO B 307 31.26 4.83 -3.53
CA PRO B 307 29.82 4.51 -3.65
C PRO B 307 28.97 5.20 -2.61
N ASP B 308 29.50 5.44 -1.40
CA ASP B 308 28.73 6.16 -0.39
C ASP B 308 28.33 7.55 -0.89
N GLU B 309 29.28 8.29 -1.46
CA GLU B 309 28.96 9.61 -2.02
C GLU B 309 27.96 9.50 -3.16
N ALA B 310 28.13 8.52 -4.04
CA ALA B 310 27.22 8.41 -5.17
C ALA B 310 25.78 8.20 -4.69
N TRP B 311 25.60 7.33 -3.68
CA TRP B 311 24.26 7.13 -3.14
C TRP B 311 23.80 8.34 -2.35
N ARG B 312 24.73 9.05 -1.70
CA ARG B 312 24.34 10.29 -1.03
C ARG B 312 23.71 11.27 -2.01
N LEU B 313 24.30 11.40 -3.20
CA LEU B 313 23.74 12.31 -4.19
C LEU B 313 22.37 11.84 -4.64
N ALA B 314 22.20 10.53 -4.82
CA ALA B 314 20.89 10.03 -5.21
C ALA B 314 19.86 10.34 -4.13
N TRP B 315 20.24 10.15 -2.87
CA TRP B 315 19.35 10.49 -1.77
C TRP B 315 18.93 11.95 -1.84
N ARG B 316 19.90 12.85 -2.03
CA ARG B 316 19.58 14.27 -2.10
C ARG B 316 18.63 14.57 -3.25
N SER B 317 18.80 13.89 -4.38
CA SER B 317 17.89 14.14 -5.48
C SER B 317 16.52 13.51 -5.22
N GLY B 318 16.48 12.39 -4.51
CA GLY B 318 15.20 11.88 -4.05
C GLY B 318 14.46 12.85 -3.15
N GLN B 319 15.18 13.49 -2.23
CA GLN B 319 14.57 14.48 -1.33
C GLN B 319 13.96 15.63 -2.13
N LYS B 320 14.72 16.19 -3.06
CA LYS B 320 14.22 17.31 -3.85
C LYS B 320 12.95 16.91 -4.59
N LEU B 321 12.92 15.69 -5.11
CA LEU B 321 11.79 15.22 -5.89
C LEU B 321 10.51 15.11 -5.05
N TYR B 322 10.57 14.41 -3.91
CA TYR B 322 9.32 14.24 -3.15
C TYR B 322 8.92 15.54 -2.47
N ARG B 323 9.88 16.43 -2.19
CA ARG B 323 9.53 17.70 -1.58
C ARG B 323 8.88 18.65 -2.59
N ARG B 324 9.40 18.70 -3.82
CA ARG B 324 8.96 19.66 -4.82
C ARG B 324 8.09 19.06 -5.91
N LEU B 325 8.36 17.81 -6.31
CA LEU B 325 7.63 17.18 -7.41
C LEU B 325 7.68 18.05 -8.67
N ASP B 326 8.82 18.68 -8.93
CA ASP B 326 9.01 19.36 -10.21
C ASP B 326 9.44 18.34 -11.25
N ARG B 327 9.03 18.61 -12.49
CA ARG B 327 9.32 17.73 -13.63
C ARG B 327 10.78 17.29 -13.65
N GLN B 328 11.69 18.25 -13.63
CA GLN B 328 13.10 17.95 -13.79
C GLN B 328 13.69 17.18 -12.61
N ASN B 329 12.99 17.13 -11.47
CA ASN B 329 13.49 16.37 -10.32
C ASN B 329 13.57 14.88 -10.64
N LEU B 330 12.57 14.34 -11.34
CA LEU B 330 12.56 12.93 -11.69
C LEU B 330 13.74 12.58 -12.58
N SER B 331 14.00 13.41 -13.60
CA SER B 331 15.13 13.21 -14.49
C SER B 331 16.45 13.26 -13.71
N ALA B 332 16.60 14.27 -12.84
CA ALA B 332 17.82 14.36 -12.06
C ALA B 332 17.99 13.16 -11.14
N LEU B 333 16.90 12.61 -10.63
CA LEU B 333 17.01 11.39 -9.81
C LEU B 333 17.54 10.24 -10.64
N PHE B 334 17.03 10.09 -11.86
CA PHE B 334 17.48 8.99 -12.71
C PHE B 334 18.97 9.11 -12.99
N SER B 335 19.44 10.32 -13.27
CA SER B 335 20.87 10.51 -13.53
C SER B 335 21.71 10.16 -12.30
N ALA B 336 21.27 10.58 -11.11
CA ALA B 336 22.05 10.22 -9.92
C ALA B 336 22.02 8.71 -9.67
N LEU B 337 20.87 8.09 -9.92
CA LEU B 337 20.76 6.65 -9.69
C LEU B 337 21.67 5.88 -10.64
N GLU B 338 21.77 6.34 -11.89
CA GLU B 338 22.63 5.66 -12.86
C GLU B 338 24.10 5.79 -12.46
N LYS B 339 24.49 6.94 -11.93
CA LYS B 339 25.87 7.10 -11.49
C LYS B 339 26.18 6.16 -10.33
N ALA B 340 25.26 6.04 -9.37
CA ALA B 340 25.52 5.14 -8.25
C ALA B 340 25.58 3.69 -8.70
N ALA B 341 24.73 3.30 -9.65
CA ALA B 341 24.79 1.95 -10.20
C ALA B 341 26.17 1.65 -10.78
N GLU B 342 26.74 2.60 -11.55
CA GLU B 342 28.05 2.38 -12.17
C GLU B 342 29.15 2.30 -11.13
N VAL B 343 29.15 3.23 -10.16
CA VAL B 343 30.17 3.17 -9.12
C VAL B 343 30.05 1.87 -8.35
N ASP B 344 28.83 1.45 -8.03
CA ASP B 344 28.63 0.22 -7.26
C ASP B 344 29.25 -0.99 -7.97
N VAL B 345 28.98 -1.17 -9.26
CA VAL B 345 29.43 -2.42 -9.89
C VAL B 345 30.95 -2.42 -10.04
N GLU B 346 31.56 -1.27 -10.33
CA GLU B 346 33.02 -1.22 -10.40
C GLU B 346 33.64 -1.44 -9.03
N TYR B 347 33.09 -0.79 -7.99
CA TYR B 347 33.58 -1.00 -6.63
C TYR B 347 33.49 -2.47 -6.25
N ALA B 348 32.33 -3.08 -6.49
CA ALA B 348 32.14 -4.48 -6.10
C ALA B 348 33.14 -5.39 -6.80
N ARG B 349 33.33 -5.20 -8.11
CA ARG B 349 34.24 -6.08 -8.82
C ARG B 349 35.68 -5.93 -8.35
N ARG B 350 36.12 -4.70 -8.15
CA ARG B 350 37.47 -4.47 -7.66
C ARG B 350 37.65 -5.05 -6.26
N LEU B 351 36.66 -4.85 -5.38
CA LEU B 351 36.81 -5.29 -4.00
C LEU B 351 36.82 -6.81 -3.92
N LEU B 352 35.90 -7.47 -4.62
CA LEU B 352 35.81 -8.93 -4.55
C LEU B 352 37.13 -9.58 -4.97
N LYS B 353 37.84 -8.97 -5.93
CA LYS B 353 39.12 -9.50 -6.38
C LYS B 353 40.06 -9.81 -5.22
N GLU B 354 40.10 -8.96 -4.20
CA GLU B 354 41.04 -9.17 -3.10
C GLU B 354 40.43 -9.87 -1.91
N LEU B 355 39.22 -10.43 -2.06
CA LEU B 355 38.62 -11.13 -0.92
C LEU B 355 38.78 -12.65 -1.05
N SER C 2 -44.88 12.21 -11.37
CA SER C 2 -44.71 12.86 -10.09
C SER C 2 -43.36 12.47 -9.49
N LEU C 3 -42.96 11.22 -9.77
CA LEU C 3 -41.66 10.76 -9.33
C LEU C 3 -40.55 11.56 -9.99
N LEU C 4 -40.71 11.85 -11.29
CA LEU C 4 -39.77 12.73 -11.97
C LEU C 4 -39.76 14.11 -11.33
N VAL C 5 -40.91 14.58 -10.86
CA VAL C 5 -40.95 15.85 -10.16
C VAL C 5 -40.25 15.74 -8.81
N ASP C 6 -40.44 14.63 -8.12
CA ASP C 6 -39.80 14.46 -6.82
C ASP C 6 -38.28 14.41 -6.96
N VAL C 7 -37.79 13.71 -7.99
CA VAL C 7 -36.35 13.62 -8.20
C VAL C 7 -35.76 15.00 -8.44
N LEU C 8 -36.37 15.77 -9.34
CA LEU C 8 -35.86 17.10 -9.64
C LEU C 8 -35.82 17.97 -8.39
N GLU C 9 -36.85 17.88 -7.55
CA GLU C 9 -36.88 18.66 -6.33
C GLU C 9 -35.73 18.28 -5.39
N LEU C 10 -35.52 16.98 -5.17
CA LEU C 10 -34.44 16.58 -4.28
C LEU C 10 -33.08 16.92 -4.86
N LEU C 11 -32.99 17.00 -6.19
CA LEU C 11 -31.71 17.34 -6.82
C LEU C 11 -31.39 18.83 -6.71
N ARG C 12 -32.41 19.70 -6.73
CA ARG C 12 -32.19 21.14 -6.78
C ARG C 12 -31.25 21.66 -5.69
N PRO C 13 -31.39 21.33 -4.41
CA PRO C 13 -30.46 21.88 -3.40
C PRO C 13 -29.07 21.28 -3.45
N LEU C 14 -28.81 20.31 -4.30
CA LEU C 14 -27.48 19.75 -4.43
C LEU C 14 -26.64 20.45 -5.48
N LEU C 15 -27.27 21.25 -6.33
CA LEU C 15 -26.57 21.97 -7.38
C LEU C 15 -25.65 23.03 -6.75
N PRO C 16 -24.65 23.52 -7.51
CA PRO C 16 -23.71 24.50 -6.94
C PRO C 16 -24.34 25.88 -6.82
N SER C 17 -25.30 26.19 -7.68
CA SER C 17 -25.89 27.52 -7.67
C SER C 17 -27.32 27.46 -8.20
N ALA C 18 -28.15 28.39 -7.71
CA ALA C 18 -29.52 28.52 -8.21
C ALA C 18 -29.55 28.86 -9.69
N ASP C 19 -28.44 29.37 -10.25
CA ASP C 19 -28.36 29.63 -11.68
C ASP C 19 -28.45 28.35 -12.50
N THR C 20 -28.15 27.19 -11.91
CA THR C 20 -27.92 25.99 -12.69
C THR C 20 -29.22 25.46 -13.28
N GLU C 21 -29.24 25.33 -14.60
CA GLU C 21 -30.37 24.70 -15.27
C GLU C 21 -30.48 23.24 -14.84
N LEU C 22 -31.70 22.83 -14.47
CA LEU C 22 -31.98 21.45 -14.06
C LEU C 22 -33.19 20.97 -14.84
N THR C 23 -32.95 20.19 -15.90
CA THR C 23 -34.03 19.61 -16.67
C THR C 23 -33.95 18.09 -16.54
N PRO C 24 -34.99 17.34 -16.96
CA PRO C 24 -34.91 15.87 -16.94
C PRO C 24 -33.69 15.30 -17.65
N ASP C 25 -33.11 16.04 -18.59
CA ASP C 25 -31.99 15.54 -19.38
C ASP C 25 -30.65 16.14 -18.96
N THR C 26 -30.63 16.98 -17.94
CA THR C 26 -29.38 17.53 -17.45
C THR C 26 -28.44 16.43 -16.99
N GLU C 27 -27.19 16.47 -17.46
CA GLU C 27 -26.20 15.48 -17.07
C GLU C 27 -25.60 15.86 -15.71
N LEU C 28 -25.62 14.91 -14.79
CA LEU C 28 -25.30 15.19 -13.39
C LEU C 28 -23.89 14.81 -13.00
N PHE C 29 -23.35 13.73 -13.54
CA PHE C 29 -22.08 13.22 -13.06
C PHE C 29 -20.99 13.16 -14.13
N SER C 30 -21.34 12.80 -15.37
CA SER C 30 -20.35 12.91 -16.45
C SER C 30 -19.85 14.33 -16.58
N SER C 31 -20.71 15.31 -16.34
CA SER C 31 -20.37 16.72 -16.46
C SER C 31 -19.77 17.30 -15.19
N GLN C 32 -19.44 16.47 -14.21
CA GLN C 32 -18.90 16.91 -12.91
C GLN C 32 -19.86 17.83 -12.16
N LEU C 33 -21.11 17.94 -12.61
CA LEU C 33 -22.06 18.85 -11.97
C LEU C 33 -22.26 18.50 -10.49
N LEU C 34 -22.35 17.21 -10.17
CA LEU C 34 -22.51 16.74 -8.80
C LEU C 34 -21.29 15.90 -8.41
N ASP C 35 -20.97 15.89 -7.13
CA ASP C 35 -19.79 15.16 -6.65
C ASP C 35 -20.21 13.92 -5.88
N SER C 36 -19.25 13.32 -5.17
CA SER C 36 -19.52 12.11 -4.41
C SER C 36 -20.47 12.37 -3.25
N LEU C 37 -20.34 13.53 -2.60
CA LEU C 37 -21.26 13.82 -1.50
C LEU C 37 -22.69 13.93 -2.00
N ALA C 38 -22.88 14.52 -3.18
CA ALA C 38 -24.21 14.60 -3.76
C ALA C 38 -24.77 13.21 -4.04
N LEU C 39 -23.94 12.30 -4.57
CA LEU C 39 -24.39 10.94 -4.82
C LEU C 39 -24.87 10.27 -3.54
N GLU C 40 -24.16 10.50 -2.42
CA GLU C 40 -24.59 9.95 -1.15
C GLU C 40 -25.99 10.42 -0.79
N GLU C 41 -26.25 11.73 -0.91
CA GLU C 41 -27.57 12.28 -0.63
C GLU C 41 -28.64 11.63 -1.50
N ILE C 42 -28.35 11.45 -2.79
CA ILE C 42 -29.34 10.83 -3.67
C ILE C 42 -29.62 9.40 -3.22
N GLN C 43 -28.57 8.59 -3.05
CA GLN C 43 -28.77 7.22 -2.61
C GLN C 43 -29.55 7.17 -1.31
N ALA C 44 -29.21 8.05 -0.36
CA ALA C 44 -29.90 8.06 0.92
C ALA C 44 -31.36 8.47 0.75
N ALA C 45 -31.61 9.51 -0.05
CA ALA C 45 -32.99 9.90 -0.30
C ALA C 45 -33.79 8.72 -0.83
N ILE C 46 -33.17 7.91 -1.70
CA ILE C 46 -33.92 6.88 -2.40
C ILE C 46 -34.24 5.71 -1.48
N GLU C 47 -33.30 5.30 -0.63
CA GLU C 47 -33.61 4.20 0.28
C GLU C 47 -34.52 4.64 1.40
N SER C 48 -34.52 5.93 1.74
CA SER C 48 -35.44 6.45 2.73
C SER C 48 -36.87 6.51 2.21
N ARG C 49 -37.04 6.79 0.91
CA ARG C 49 -38.35 7.09 0.35
C ARG C 49 -38.93 6.02 -0.55
N TRP C 50 -38.09 5.24 -1.25
CA TRP C 50 -38.62 4.39 -2.30
C TRP C 50 -38.10 2.96 -2.31
N VAL C 51 -36.79 2.77 -2.35
CA VAL C 51 -36.25 1.43 -2.61
C VAL C 51 -34.79 1.36 -2.20
N PRO C 52 -34.34 0.28 -1.56
CA PRO C 52 -32.93 0.16 -1.22
C PRO C 52 -32.10 -0.30 -2.42
N LEU C 53 -31.44 0.63 -3.11
CA LEU C 53 -30.74 0.28 -4.35
C LEU C 53 -29.49 -0.54 -4.06
N PRO C 54 -29.29 -1.68 -4.73
CA PRO C 54 -28.07 -2.48 -4.54
C PRO C 54 -26.94 -1.99 -5.44
N PRO C 55 -25.70 -2.44 -5.20
CA PRO C 55 -24.58 -2.02 -6.05
C PRO C 55 -24.87 -2.16 -7.54
N GLU C 56 -25.53 -3.24 -7.92
CA GLU C 56 -25.92 -3.53 -9.30
C GLU C 56 -26.60 -2.35 -10.00
N GLU C 57 -27.30 -1.49 -9.24
CA GLU C 57 -28.04 -0.38 -9.80
C GLU C 57 -27.27 0.95 -9.78
N LEU C 58 -26.09 0.99 -9.14
CA LEU C 58 -25.29 2.20 -9.09
C LEU C 58 -24.41 2.26 -10.34
N THR C 59 -25.01 2.73 -11.43
CA THR C 59 -24.35 2.89 -12.71
C THR C 59 -24.55 4.32 -13.18
N LEU C 60 -23.53 4.84 -13.87
CA LEU C 60 -23.66 6.18 -14.47
C LEU C 60 -24.90 6.26 -15.35
N ALA C 61 -25.22 5.19 -16.07
CA ALA C 61 -26.43 5.18 -16.89
C ALA C 61 -27.66 5.46 -16.05
N ASN C 62 -27.74 4.87 -14.86
CA ASN C 62 -28.94 5.05 -14.04
C ASN C 62 -28.98 6.41 -13.38
N PHE C 63 -27.84 7.04 -13.13
CA PHE C 63 -27.78 8.20 -12.25
C PHE C 63 -27.34 9.48 -12.93
N ASN C 64 -27.14 9.48 -14.25
CA ASN C 64 -26.51 10.66 -14.85
C ASN C 64 -27.50 11.78 -15.17
N THR C 65 -28.77 11.48 -15.33
CA THR C 65 -29.83 12.46 -15.58
C THR C 65 -30.99 12.25 -14.61
N PRO C 66 -31.74 13.32 -14.31
CA PRO C 66 -32.94 13.14 -13.46
C PRO C 66 -33.91 12.13 -14.01
N ALA C 67 -34.08 12.08 -15.33
CA ALA C 67 -35.00 11.13 -15.93
C ALA C 67 -34.52 9.70 -15.70
N ALA C 68 -33.21 9.47 -15.81
CA ALA C 68 -32.69 8.13 -15.57
C ALA C 68 -32.88 7.71 -14.11
N ILE C 69 -32.67 8.63 -13.18
CA ILE C 69 -32.86 8.31 -11.76
C ILE C 69 -34.31 7.90 -11.50
N ALA C 70 -35.27 8.71 -12.00
CA ALA C 70 -36.67 8.37 -11.83
C ALA C 70 -37.01 7.05 -12.50
N GLU C 71 -36.46 6.82 -13.70
CA GLU C 71 -36.61 5.51 -14.33
C GLU C 71 -36.11 4.41 -13.41
N THR C 72 -34.95 4.64 -12.79
CA THR C 72 -34.36 3.61 -11.95
C THR C 72 -35.26 3.30 -10.77
N ILE C 73 -35.80 4.35 -10.13
CA ILE C 73 -36.70 4.15 -9.00
C ILE C 73 -37.96 3.41 -9.45
N ALA C 74 -38.57 3.87 -10.54
CA ALA C 74 -39.80 3.24 -11.02
C ALA C 74 -39.57 1.76 -11.30
N ARG C 75 -38.48 1.44 -12.01
CA ARG C 75 -38.22 0.06 -12.43
C ARG C 75 -37.96 -0.86 -11.24
N THR C 76 -37.40 -0.34 -10.15
CA THR C 76 -36.94 -1.19 -9.06
C THR C 76 -37.85 -1.20 -7.84
N SER C 77 -38.79 -0.28 -7.74
CA SER C 77 -39.62 -0.14 -6.53
C SER C 77 -40.41 -1.39 -6.21
N SER D 2 30.40 35.22 12.05
CA SER D 2 30.39 35.54 10.62
C SER D 2 29.74 34.41 9.84
N LEU D 3 30.06 33.17 10.21
CA LEU D 3 29.32 32.03 9.67
C LEU D 3 27.86 32.09 10.10
N LEU D 4 27.63 32.32 11.39
CA LEU D 4 26.28 32.55 11.88
C LEU D 4 25.58 33.65 11.09
N VAL D 5 26.32 34.68 10.70
CA VAL D 5 25.75 35.77 9.91
C VAL D 5 25.22 35.25 8.58
N ASP D 6 26.04 34.50 7.85
CA ASP D 6 25.62 33.91 6.59
C ASP D 6 24.37 33.07 6.76
N VAL D 7 24.34 32.24 7.81
CA VAL D 7 23.19 31.38 8.06
C VAL D 7 21.93 32.21 8.21
N LEU D 8 21.96 33.19 9.12
CA LEU D 8 20.83 34.09 9.31
C LEU D 8 20.46 34.77 8.00
N GLU D 9 21.46 35.02 7.16
CA GLU D 9 21.22 35.74 5.91
C GLU D 9 20.50 34.85 4.90
N LEU D 10 20.91 33.59 4.78
CA LEU D 10 20.22 32.68 3.87
C LEU D 10 18.90 32.19 4.45
N LEU D 11 18.74 32.23 5.77
CA LEU D 11 17.49 31.80 6.38
C LEU D 11 16.37 32.81 6.19
N ARG D 12 16.70 34.11 6.27
CA ARG D 12 15.67 35.15 6.25
C ARG D 12 14.70 35.05 5.06
N PRO D 13 15.16 34.86 3.81
CA PRO D 13 14.18 34.74 2.70
C PRO D 13 13.23 33.56 2.82
N LEU D 14 13.56 32.53 3.62
CA LEU D 14 12.69 31.38 3.76
C LEU D 14 11.58 31.62 4.79
N LEU D 15 11.65 32.71 5.55
CA LEU D 15 10.64 32.98 6.57
C LEU D 15 9.32 33.38 5.94
N PRO D 16 8.19 33.11 6.61
CA PRO D 16 6.89 33.48 6.03
C PRO D 16 6.70 34.99 5.88
N SER D 17 7.47 35.82 6.57
CA SER D 17 7.28 37.26 6.43
C SER D 17 8.55 37.99 6.85
N ALA D 18 8.75 39.18 6.27
CA ALA D 18 9.76 40.09 6.79
C ALA D 18 9.45 40.51 8.22
N ASP D 19 8.20 40.31 8.67
CA ASP D 19 7.83 40.55 10.06
C ASP D 19 8.43 39.53 11.01
N THR D 20 8.83 38.36 10.50
CA THR D 20 9.23 37.26 11.37
C THR D 20 10.58 37.57 12.00
N GLU D 21 10.61 37.53 13.33
CA GLU D 21 11.87 37.71 14.06
C GLU D 21 12.78 36.50 13.83
N LEU D 22 14.01 36.77 13.42
CA LEU D 22 15.01 35.71 13.24
C LEU D 22 16.17 36.01 14.19
N THR D 23 16.25 35.26 15.28
CA THR D 23 17.34 35.35 16.25
C THR D 23 18.20 34.10 16.19
N PRO D 24 19.47 34.19 16.61
CA PRO D 24 20.34 33.01 16.55
C PRO D 24 19.78 31.78 17.24
N ASP D 25 18.76 31.96 18.08
CA ASP D 25 18.22 30.87 18.88
C ASP D 25 16.79 30.51 18.53
N THR D 26 16.16 31.17 17.56
CA THR D 26 14.77 30.87 17.26
C THR D 26 14.64 29.46 16.69
N GLU D 27 13.56 28.79 17.07
CA GLU D 27 13.31 27.43 16.63
C GLU D 27 12.74 27.45 15.21
N LEU D 28 13.31 26.62 14.34
CA LEU D 28 12.99 26.68 12.92
C LEU D 28 12.01 25.61 12.48
N PHE D 29 12.13 24.38 12.99
CA PHE D 29 11.33 23.26 12.50
C PHE D 29 10.40 22.68 13.55
N SER D 30 10.86 22.52 14.80
CA SER D 30 9.95 22.13 15.87
C SER D 30 8.77 23.10 15.98
N SER D 31 8.96 24.33 15.51
CA SER D 31 7.94 25.37 15.52
C SER D 31 7.04 25.36 14.30
N GLN D 32 7.34 24.51 13.30
CA GLN D 32 6.75 24.57 11.96
C GLN D 32 6.92 25.95 11.33
N LEU D 33 7.87 26.73 11.83
CA LEU D 33 8.19 28.01 11.21
C LEU D 33 8.60 27.82 9.75
N LEU D 34 9.56 26.93 9.52
CA LEU D 34 10.00 26.53 8.19
C LEU D 34 9.47 25.12 7.88
N ASP D 35 9.30 24.85 6.59
CA ASP D 35 8.76 23.58 6.11
C ASP D 35 9.85 22.79 5.39
N SER D 36 9.45 21.63 4.85
CA SER D 36 10.38 20.77 4.12
C SER D 36 11.03 21.49 2.93
N LEU D 37 10.28 22.34 2.24
CA LEU D 37 10.86 23.11 1.14
C LEU D 37 11.99 24.01 1.64
N ALA D 38 11.87 24.54 2.85
CA ALA D 38 12.96 25.34 3.39
C ALA D 38 14.16 24.46 3.76
N LEU D 39 13.91 23.28 4.33
CA LEU D 39 15.02 22.40 4.64
C LEU D 39 15.79 22.02 3.38
N GLU D 40 15.08 21.87 2.25
CA GLU D 40 15.75 21.61 0.98
C GLU D 40 16.67 22.77 0.59
N GLU D 41 16.21 24.02 0.78
CA GLU D 41 17.07 25.17 0.51
C GLU D 41 18.28 25.20 1.41
N ILE D 42 18.10 24.89 2.70
CA ILE D 42 19.23 24.92 3.63
C ILE D 42 20.24 23.84 3.24
N GLN D 43 19.76 22.64 2.94
CA GLN D 43 20.66 21.58 2.53
C GLN D 43 21.40 21.95 1.25
N ALA D 44 20.68 22.54 0.29
CA ALA D 44 21.29 22.91 -0.98
C ALA D 44 22.31 24.03 -0.81
N ALA D 45 22.00 25.03 0.03
CA ALA D 45 22.96 26.09 0.26
C ALA D 45 24.23 25.54 0.92
N ILE D 46 24.08 24.54 1.79
CA ILE D 46 25.21 23.98 2.51
C ILE D 46 26.09 23.15 1.58
N GLU D 47 25.50 22.34 0.71
CA GLU D 47 26.34 21.53 -0.16
C GLU D 47 26.96 22.33 -1.30
N SER D 48 26.41 23.50 -1.63
CA SER D 48 27.01 24.38 -2.63
C SER D 48 28.15 25.20 -2.05
N ARG D 49 27.97 25.73 -0.85
CA ARG D 49 28.91 26.69 -0.27
C ARG D 49 29.88 26.08 0.73
N TRP D 50 29.54 24.95 1.34
CA TRP D 50 30.39 24.37 2.36
C TRP D 50 30.63 22.89 2.08
N VAL D 51 30.47 22.03 3.07
CA VAL D 51 30.70 20.59 2.91
C VAL D 51 29.36 19.88 2.81
N PRO D 52 29.13 19.07 1.77
CA PRO D 52 27.84 18.38 1.63
C PRO D 52 27.64 17.38 2.76
N LEU D 53 26.44 17.40 3.34
CA LEU D 53 26.16 16.62 4.54
C LEU D 53 25.54 15.27 4.19
N PRO D 54 25.96 14.22 4.88
CA PRO D 54 25.33 12.90 4.71
C PRO D 54 24.10 12.77 5.58
N PRO D 55 23.30 11.70 5.40
CA PRO D 55 22.09 11.54 6.21
C PRO D 55 22.31 11.62 7.71
N GLU D 56 23.46 11.16 8.19
CA GLU D 56 23.68 11.13 9.64
C GLU D 56 23.75 12.53 10.25
N GLU D 57 23.96 13.57 9.45
CA GLU D 57 24.00 14.93 9.95
C GLU D 57 22.67 15.67 9.82
N LEU D 58 21.67 15.04 9.19
CA LEU D 58 20.36 15.67 9.07
C LEU D 58 19.55 15.28 10.31
N THR D 59 19.80 16.03 11.38
CA THR D 59 19.10 15.84 12.66
C THR D 59 18.47 17.15 13.10
N LEU D 60 17.36 17.03 13.84
CA LEU D 60 16.70 18.21 14.39
C LEU D 60 17.65 19.04 15.25
N ALA D 61 18.48 18.37 16.05
CA ALA D 61 19.45 19.10 16.87
C ALA D 61 20.36 19.96 16.01
N ASN D 62 20.71 19.47 14.83
CA ASN D 62 21.61 20.21 13.95
C ASN D 62 20.93 21.34 13.20
N PHE D 63 19.61 21.28 12.98
CA PHE D 63 18.96 22.23 12.10
C PHE D 63 17.87 23.06 12.76
N ASN D 64 17.60 22.92 14.07
CA ASN D 64 16.43 23.59 14.60
C ASN D 64 16.65 25.06 14.98
N THR D 65 17.88 25.55 14.98
CA THR D 65 18.13 26.96 15.23
C THR D 65 19.21 27.44 14.28
N PRO D 66 19.25 28.74 13.98
CA PRO D 66 20.36 29.27 13.17
C PRO D 66 21.71 29.02 13.80
N ALA D 67 21.81 29.09 15.13
CA ALA D 67 23.09 28.78 15.78
C ALA D 67 23.47 27.33 15.57
N ALA D 68 22.51 26.40 15.71
CA ALA D 68 22.82 25.00 15.53
C ALA D 68 23.28 24.71 14.11
N ILE D 69 22.59 25.30 13.12
CA ILE D 69 23.01 25.14 11.73
C ILE D 69 24.42 25.67 11.55
N ALA D 70 24.74 26.80 12.18
CA ALA D 70 26.08 27.38 12.05
C ALA D 70 27.16 26.47 12.63
N GLU D 71 26.92 25.90 13.82
CA GLU D 71 27.92 24.97 14.37
C GLU D 71 28.01 23.69 13.57
N THR D 72 26.91 23.28 12.92
CA THR D 72 26.97 22.09 12.10
C THR D 72 27.85 22.32 10.88
N ILE D 73 27.67 23.47 10.22
CA ILE D 73 28.60 23.86 9.17
C ILE D 73 30.02 23.92 9.72
N ALA D 74 30.19 24.63 10.84
CA ALA D 74 31.52 24.76 11.43
C ALA D 74 32.14 23.40 11.73
N ARG D 75 31.39 22.53 12.41
CA ARG D 75 31.94 21.25 12.83
C ARG D 75 32.30 20.36 11.63
N THR D 76 31.52 20.42 10.55
CA THR D 76 31.74 19.49 9.44
C THR D 76 32.63 20.06 8.34
N SER D 77 33.08 21.30 8.46
CA SER D 77 33.93 21.89 7.43
C SER D 77 35.42 21.72 7.73
#